data_8JGG
#
_entry.id   8JGG
#
_cell.length_a   1.00
_cell.length_b   1.00
_cell.length_c   1.00
_cell.angle_alpha   90.00
_cell.angle_beta   90.00
_cell.angle_gamma   90.00
#
_symmetry.space_group_name_H-M   'P 1'
#
loop_
_entity.id
_entity.type
_entity.pdbx_description
1 polymer 'Guanine nucleotide-binding protein G(I)/G(S)/G(O) subunit gamma-2'
2 polymer BAM8-22
3 polymer 'Single-Chain Fragment Variable 16'
4 polymer 'Guanine nucleotide-binding protein G(i) subunit alpha-1'
5 polymer 'Guanine nucleotide-binding protein G(I)/G(S)/G(T) subunit beta-1'
6 polymer 'Mas-related G-protein coupled receptor member X1'
#
loop_
_entity_poly.entity_id
_entity_poly.type
_entity_poly.pdbx_seq_one_letter_code
_entity_poly.pdbx_strand_id
1 'polypeptide(L)' NTASIAQARKLVEQLKMEANIDRIKVSKAAADLMAYCEAHAKEDPLLTPVPASENPFREK G
2 'polypeptide(L)' PEWWMDYQKRY L
3 'polypeptide(L)'
;MLLVNQSHQGFNKEHTSKMVSAIVLYVLLAAAAHSAFAVQLVESGGGLVQPGGSRKLSCSASGFAFSSFGMHWVRQAPEK
GLEWVAYISSGSGTIYYADTVKGRFTISRDDPKNTLFLQMTSLRSEDTAMYYCVRSIYYYGSSPFDFWGQGTTLTVSAGG
GGSGGGGSGGGGSADIVMTQATSSVPVTPGESVSISCRSSKSLLHSNGNTYLYWFLQRPGQSPQLLIYRMSNLASGVPDR
FSGSGSGTAFTLTISRLEAEDVGVYYCMQHLEYPLTFGAGTKLEL
;
S
4 'polypeptide(L)'
;MGCTLSAEDKAAVERSKMIDRNLREDGEKAAREVKLLLLGAGESGKSTIVKQMKIIHEAGYSEEECKQYKAVVYSNTIQS
IIAIIRAMGRLKIDFGDSARADDARQLFVLAGAAEEGFMTAELAGVIKRLWKDSGVQACFNRSREYQLNDSAAYYLNDLD
RIAQPNYIPTQQDVLRTRVKTTGIVETHFTFKDLHFKMFDVGGQRSERKKWIHCFEGVTAIIFCVALSDYDLVLAEDEEM
NRMHESMKLFDSICNNKWFTDTSIILFLNKKDLFEEKIKKSPLTICYPEYAGSNTYEEAAAYIQCQFEDLNKRKDTKEIY
THFTCATDTKNVQFVFDAVTDVIIKNNLKDCGLF
;
A
5 'polypeptide(L)'
;LEVLFQGPCGSSGSELDQLRQEAEQLKNQIRDARKACADATLSQITNNIDPVGRIQMRTRRTLRGHLAKIYAMHWGTDSR
LLVSASQDGKLIIWDSYTTNKVHAIPLRSSWVMTCAYAPSGNYVACGGLDNICSIYNLKTREGNVRVSRELAGHTGYLSC
CRFLDDNQIVTSSGDTTCALWDIETGQQTTTFTGHTGDVMSLSLAPDTRLFVSGACDASAKLWDVREGMCRQTFTGHESD
INAICFFPNGNAFATGSDDATCRLFDLRADQELMTYSHDNIICGITSVSFSKSGRLLLAGYDDFNCNVWDALKADRAGVL
AGHDNRVSCLGVTDDGMAVATGSWDSFLKIWN
;
B
6 'polypeptide(L)'
;MDPTISTLDTELTPINGTEETLCYKQTLSLTVLTCIVSLVGLTGNAVVLWLLGCRMRRNAFSIYILNLAAADFLFLSGRL
IYSLLSFISIPHTISKILYPVMMFSYFAGLSFLSAVSTERCLSVLWPIWYRCHRPTHLSAVVCVLLWALSLLRSILEWML
CGFLFSGADSAWCQTSDFITVAWLIFLCVVLCGSSLVLLIRILCGSRKIPLTRLYVTILLTVLVFLLCGLPFGIQFFLFL
WIHVDREVLFCHVHLVSIFLSALNSSANPIIYFFVGSFRQRQNRQNLKLVLQRALQDASEVDEGGGQLPEEILELSGSRL
EQ
;
R
#
# COMPACT_ATOMS: atom_id res chain seq x y z
N SER A 4 -15.30 -22.00 -40.71
CA SER A 4 -14.60 -22.06 -41.99
C SER A 4 -13.72 -20.83 -42.18
N ILE A 5 -13.88 -20.16 -43.32
CA ILE A 5 -13.12 -18.95 -43.64
C ILE A 5 -13.86 -17.69 -43.19
N ALA A 6 -14.93 -17.84 -42.41
CA ALA A 6 -15.70 -16.69 -41.96
C ALA A 6 -14.89 -15.73 -41.11
N GLN A 7 -13.80 -16.21 -40.49
CA GLN A 7 -12.90 -15.31 -39.76
C GLN A 7 -12.29 -14.28 -40.71
N ALA A 8 -11.87 -14.72 -41.90
CA ALA A 8 -11.36 -13.81 -42.90
C ALA A 8 -12.47 -13.09 -43.65
N ARG A 9 -13.67 -13.68 -43.74
CA ARG A 9 -14.77 -13.03 -44.44
C ARG A 9 -15.35 -11.88 -43.64
N LYS A 10 -15.38 -12.00 -42.31
CA LYS A 10 -15.92 -10.93 -41.47
C LYS A 10 -15.03 -9.70 -41.51
N LEU A 11 -13.71 -9.90 -41.65
CA LEU A 11 -12.79 -8.79 -41.68
C LEU A 11 -13.06 -7.86 -42.86
N VAL A 12 -13.43 -8.43 -44.02
CA VAL A 12 -13.72 -7.61 -45.19
C VAL A 12 -14.85 -6.65 -44.91
N GLU A 13 -15.95 -7.15 -44.34
CA GLU A 13 -17.07 -6.28 -44.00
C GLU A 13 -16.68 -5.27 -42.94
N GLN A 14 -15.91 -5.71 -41.94
CA GLN A 14 -15.52 -4.82 -40.85
C GLN A 14 -14.71 -3.63 -41.37
N LEU A 15 -13.79 -3.88 -42.30
CA LEU A 15 -12.96 -2.77 -42.79
C LEU A 15 -13.60 -2.00 -43.93
N LYS A 16 -14.54 -2.59 -44.68
CA LYS A 16 -15.25 -1.80 -45.68
C LYS A 16 -16.25 -0.86 -45.00
N MET A 17 -16.74 -1.25 -43.82
CA MET A 17 -17.51 -0.30 -43.03
C MET A 17 -16.65 0.87 -42.57
N GLU A 18 -15.40 0.62 -42.22
CA GLU A 18 -14.51 1.70 -41.81
C GLU A 18 -14.05 2.54 -42.99
N ALA A 19 -14.08 1.97 -44.20
CA ALA A 19 -13.60 2.69 -45.38
C ALA A 19 -14.45 3.92 -45.66
N ASN A 20 -15.77 3.80 -45.53
CA ASN A 20 -16.69 4.87 -45.90
C ASN A 20 -17.08 5.67 -44.66
N ILE A 21 -16.19 6.56 -44.24
CA ILE A 21 -16.47 7.55 -43.21
C ILE A 21 -16.00 8.91 -43.72
N ASP A 22 -16.55 9.97 -43.13
CA ASP A 22 -16.30 11.34 -43.57
C ASP A 22 -15.09 11.87 -42.83
N ARG A 23 -13.92 11.79 -43.46
CA ARG A 23 -12.71 12.36 -42.89
C ARG A 23 -12.62 13.85 -43.23
N ILE A 24 -12.04 14.62 -42.31
CA ILE A 24 -11.83 16.04 -42.51
C ILE A 24 -10.34 16.30 -42.67
N LYS A 25 -10.01 17.49 -43.15
CA LYS A 25 -8.62 17.86 -43.36
C LYS A 25 -7.89 17.98 -42.02
N VAL A 26 -6.59 17.66 -42.05
CA VAL A 26 -5.78 17.72 -40.84
C VAL A 26 -5.70 19.15 -40.32
N SER A 27 -5.68 20.14 -41.23
CA SER A 27 -5.60 21.53 -40.80
C SER A 27 -6.78 21.93 -39.94
N LYS A 28 -7.98 21.49 -40.31
CA LYS A 28 -9.18 21.85 -39.55
C LYS A 28 -9.14 21.26 -38.14
N ALA A 29 -8.76 19.98 -38.01
CA ALA A 29 -8.65 19.36 -36.70
C ALA A 29 -7.57 20.04 -35.86
N ALA A 30 -6.44 20.37 -36.49
CA ALA A 30 -5.37 21.06 -35.79
C ALA A 30 -5.85 22.42 -35.28
N ALA A 31 -6.57 23.16 -36.12
CA ALA A 31 -7.08 24.47 -35.70
C ALA A 31 -8.10 24.32 -34.57
N ASP A 32 -8.92 23.28 -34.62
CA ASP A 32 -9.83 23.00 -33.51
C ASP A 32 -9.06 22.75 -32.22
N LEU A 33 -7.96 22.00 -32.31
CA LEU A 33 -7.14 21.74 -31.13
C LEU A 33 -6.54 23.04 -30.58
N MET A 34 -6.07 23.93 -31.46
CA MET A 34 -5.60 25.23 -31.01
C MET A 34 -6.71 26.01 -30.33
N ALA A 35 -7.92 25.98 -30.91
CA ALA A 35 -9.04 26.74 -30.36
C ALA A 35 -9.41 26.25 -28.97
N TYR A 36 -9.45 24.94 -28.77
CA TYR A 36 -9.79 24.41 -27.46
C TYR A 36 -8.76 24.75 -26.41
N CYS A 37 -7.47 24.65 -26.75
CA CYS A 37 -6.42 24.96 -25.79
C CYS A 37 -6.32 26.45 -25.48
N GLU A 38 -6.83 27.30 -26.37
CA GLU A 38 -6.76 28.75 -26.13
C GLU A 38 -7.93 29.22 -25.27
N ALA A 39 -9.12 28.67 -25.49
CA ALA A 39 -10.30 29.09 -24.75
C ALA A 39 -10.26 28.66 -23.29
N HIS A 40 -9.46 27.63 -22.96
CA HIS A 40 -9.38 27.12 -21.60
C HIS A 40 -7.99 27.26 -21.00
N ALA A 41 -7.12 28.08 -21.60
CA ALA A 41 -5.77 28.23 -21.09
C ALA A 41 -5.75 28.91 -19.72
N LYS A 42 -6.77 29.71 -19.42
CA LYS A 42 -6.86 30.41 -18.14
C LYS A 42 -7.60 29.61 -17.08
N GLU A 43 -8.04 28.39 -17.39
CA GLU A 43 -8.71 27.51 -16.45
C GLU A 43 -7.91 26.26 -16.16
N ASP A 44 -6.60 26.32 -16.36
CA ASP A 44 -5.72 25.17 -16.13
C ASP A 44 -4.76 25.48 -14.98
N PRO A 45 -5.03 24.99 -13.77
CA PRO A 45 -4.10 25.25 -12.65
C PRO A 45 -2.72 24.66 -12.86
N LEU A 46 -2.57 23.65 -13.73
CA LEU A 46 -1.26 23.06 -13.97
C LEU A 46 -0.41 23.92 -14.89
N LEU A 47 -1.02 24.61 -15.84
CA LEU A 47 -0.26 25.45 -16.77
C LEU A 47 0.23 26.71 -16.07
N THR A 48 -0.69 27.54 -15.59
CA THR A 48 -0.34 28.73 -14.83
C THR A 48 -0.44 28.41 -13.35
N PRO A 49 0.66 28.47 -12.59
CA PRO A 49 0.60 28.13 -11.16
C PRO A 49 -0.40 29.00 -10.42
N VAL A 50 -1.44 28.35 -9.88
CA VAL A 50 -2.49 29.02 -9.13
C VAL A 50 -1.88 29.54 -7.83
N PRO A 51 -2.38 30.66 -7.29
CA PRO A 51 -1.78 31.22 -6.07
C PRO A 51 -1.94 30.29 -4.88
N ALA A 52 -1.26 30.65 -3.79
CA ALA A 52 -1.27 29.84 -2.59
C ALA A 52 -2.55 29.94 -1.79
N SER A 53 -3.47 30.83 -2.17
CA SER A 53 -4.71 31.01 -1.42
C SER A 53 -5.72 29.92 -1.77
N GLU A 54 -6.00 29.75 -3.05
CA GLU A 54 -6.93 28.71 -3.47
C GLU A 54 -6.33 27.32 -3.30
N ASN A 55 -5.13 27.12 -3.82
CA ASN A 55 -4.47 25.81 -3.73
C ASN A 55 -4.87 25.05 -2.47
N PRO A 56 -5.61 23.95 -2.62
CA PRO A 56 -6.07 23.20 -1.44
C PRO A 56 -5.02 22.27 -0.87
N PHE A 57 -4.04 21.87 -1.68
CA PHE A 57 -3.05 20.89 -1.27
C PHE A 57 -1.83 21.51 -0.60
N ARG A 58 -1.95 22.72 -0.06
CA ARG A 58 -0.85 23.38 0.63
C ARG A 58 -1.16 23.59 2.10
N GLU A 59 -2.26 24.28 2.42
CA GLU A 59 -2.58 24.66 3.79
C GLU A 59 -3.88 24.08 4.32
N LYS A 60 -4.59 23.28 3.53
CA LYS A 60 -5.83 22.65 3.98
C LYS A 60 -5.76 21.14 3.81
N PRO B 1 44.90 4.24 44.57
CA PRO B 1 44.38 5.59 44.85
C PRO B 1 45.46 6.64 44.78
N GLU B 2 46.48 6.50 45.61
CA GLU B 2 47.52 7.50 45.68
C GLU B 2 48.25 7.61 44.38
N TRP B 3 48.09 6.68 43.46
CA TRP B 3 48.88 6.83 42.24
C TRP B 3 48.00 7.08 41.03
N TRP B 4 46.98 7.89 41.22
CA TRP B 4 46.08 8.26 40.14
C TRP B 4 46.46 9.60 39.57
N MET B 5 46.46 9.73 38.27
CA MET B 5 46.80 11.03 37.73
C MET B 5 45.51 11.79 37.58
N ASP B 6 45.64 12.97 37.01
CA ASP B 6 44.40 13.65 36.69
C ASP B 6 43.47 12.80 35.87
N TYR B 7 43.94 11.86 35.08
CA TYR B 7 42.94 11.16 34.26
C TYR B 7 42.46 9.90 34.92
N GLN B 8 42.20 9.97 36.21
CA GLN B 8 41.81 8.78 36.93
C GLN B 8 40.66 9.03 37.90
N LYS B 9 40.36 10.28 38.17
CA LYS B 9 39.32 10.58 39.15
C LYS B 9 38.07 10.97 38.44
N ARG B 10 37.04 10.15 38.54
CA ARG B 10 35.86 10.43 37.74
C ARG B 10 34.90 11.37 38.41
N TYR B 11 34.46 11.01 39.60
CA TYR B 11 33.54 11.86 40.35
C TYR B 11 33.42 11.41 41.79
N VAL C 39 -30.34 -3.59 11.65
CA VAL C 39 -29.81 -2.72 12.70
C VAL C 39 -30.83 -2.58 13.82
N GLN C 40 -30.47 -3.08 15.02
CA GLN C 40 -31.35 -3.03 16.17
C GLN C 40 -30.53 -2.78 17.42
N LEU C 41 -31.09 -2.00 18.34
CA LEU C 41 -30.40 -1.56 19.55
C LEU C 41 -31.38 -1.68 20.71
N VAL C 42 -31.17 -2.65 21.59
CA VAL C 42 -32.10 -2.93 22.68
C VAL C 42 -31.37 -2.72 24.01
N GLU C 43 -31.92 -1.86 24.86
CA GLU C 43 -31.31 -1.53 26.13
C GLU C 43 -32.15 -2.06 27.28
N SER C 44 -31.49 -2.33 28.41
CA SER C 44 -32.14 -2.91 29.56
C SER C 44 -31.45 -2.45 30.84
N GLY C 45 -32.16 -2.56 31.94
CA GLY C 45 -31.71 -2.11 33.24
C GLY C 45 -32.62 -1.02 33.79
N GLY C 46 -32.32 -0.64 35.03
CA GLY C 46 -33.06 0.43 35.69
C GLY C 46 -34.37 -0.04 36.29
N GLY C 47 -35.03 0.90 36.95
CA GLY C 47 -36.28 0.63 37.62
C GLY C 47 -36.40 1.50 38.87
N LEU C 48 -36.89 0.89 39.95
CA LEU C 48 -37.02 1.57 41.23
C LEU C 48 -35.70 1.45 42.00
N VAL C 49 -35.03 2.58 42.21
CA VAL C 49 -33.73 2.62 42.84
C VAL C 49 -33.77 3.65 43.97
N GLN C 50 -33.30 3.25 45.15
CA GLN C 50 -33.21 4.18 46.26
C GLN C 50 -32.10 5.19 46.01
N PRO C 51 -32.25 6.42 46.51
CA PRO C 51 -31.20 7.43 46.31
C PRO C 51 -29.90 7.02 46.98
N GLY C 52 -28.79 7.41 46.35
CA GLY C 52 -27.47 7.08 46.86
C GLY C 52 -27.00 5.67 46.57
N GLY C 53 -27.72 4.92 45.75
CA GLY C 53 -27.37 3.56 45.41
C GLY C 53 -26.48 3.47 44.19
N SER C 54 -26.46 2.29 43.59
CA SER C 54 -25.67 2.02 42.39
C SER C 54 -26.52 1.25 41.40
N ARG C 55 -26.22 1.39 40.11
CA ARG C 55 -26.95 0.62 39.12
C ARG C 55 -26.17 0.49 37.83
N LYS C 56 -26.57 -0.44 36.98
CA LYS C 56 -25.90 -0.64 35.72
C LYS C 56 -26.89 -0.87 34.61
N LEU C 57 -26.68 -0.20 33.48
CA LEU C 57 -27.53 -0.35 32.31
C LEU C 57 -26.73 -1.00 31.19
N SER C 58 -27.37 -1.92 30.46
CA SER C 58 -26.68 -2.68 29.42
C SER C 58 -27.46 -2.57 28.11
N CYS C 59 -26.75 -2.24 27.03
CA CYS C 59 -27.34 -2.12 25.71
C CYS C 59 -26.70 -3.15 24.78
N SER C 60 -27.54 -3.88 24.05
CA SER C 60 -27.09 -4.91 23.12
C SER C 60 -27.46 -4.52 21.70
N ALA C 61 -26.53 -4.76 20.78
CA ALA C 61 -26.68 -4.43 19.37
C ALA C 61 -26.83 -5.70 18.54
N SER C 62 -27.66 -5.63 17.50
CA SER C 62 -27.85 -6.77 16.62
C SER C 62 -28.12 -6.25 15.21
N GLY C 63 -27.18 -6.45 14.30
CA GLY C 63 -27.35 -6.08 12.91
C GLY C 63 -26.30 -5.15 12.35
N PHE C 64 -25.30 -4.72 13.12
CA PHE C 64 -24.26 -3.84 12.60
C PHE C 64 -22.95 -4.11 13.31
N ALA C 65 -21.86 -3.66 12.68
CA ALA C 65 -20.52 -3.84 13.23
C ALA C 65 -20.31 -2.95 14.45
N PHE C 66 -20.52 -3.52 15.64
CA PHE C 66 -20.45 -2.73 16.87
C PHE C 66 -19.05 -2.19 17.13
N SER C 67 -18.01 -2.92 16.73
CA SER C 67 -16.65 -2.53 17.04
C SER C 67 -16.17 -1.31 16.25
N SER C 68 -16.85 -0.95 15.17
CA SER C 68 -16.43 0.15 14.31
C SER C 68 -17.24 1.42 14.53
N PHE C 69 -18.04 1.49 15.59
CA PHE C 69 -18.90 2.63 15.85
C PHE C 69 -18.62 3.18 17.25
N GLY C 70 -18.50 4.49 17.36
CA GLY C 70 -18.38 5.09 18.67
C GLY C 70 -19.77 4.93 19.24
N MET C 71 -19.97 5.19 20.52
CA MET C 71 -21.30 5.09 21.11
C MET C 71 -21.56 6.12 22.17
N HIS C 72 -22.79 6.57 22.30
CA HIS C 72 -23.19 7.63 23.20
C HIS C 72 -24.36 7.19 24.06
N TRP C 73 -24.31 7.55 25.34
CA TRP C 73 -25.47 7.51 26.21
C TRP C 73 -26.04 8.92 26.30
N VAL C 74 -27.33 9.08 25.99
CA VAL C 74 -28.00 10.37 26.03
C VAL C 74 -29.29 10.22 26.83
N ARG C 75 -29.49 11.08 27.82
CA ARG C 75 -30.64 10.96 28.70
C ARG C 75 -31.61 12.12 28.48
N GLN C 76 -32.89 11.86 28.74
CA GLN C 76 -33.94 12.85 28.59
C GLN C 76 -34.84 12.81 29.81
N ALA C 77 -35.04 13.96 30.44
CA ALA C 77 -35.90 14.08 31.62
C ALA C 77 -37.34 13.84 31.22
N PRO C 78 -38.22 13.46 32.17
CA PRO C 78 -39.62 13.19 31.82
C PRO C 78 -40.33 14.37 31.16
N GLU C 79 -40.02 15.59 31.58
CA GLU C 79 -40.67 16.80 31.07
C GLU C 79 -39.62 17.83 30.69
N LYS C 80 -38.59 17.39 29.96
CA LYS C 80 -37.53 18.28 29.51
C LYS C 80 -36.92 17.67 28.24
N GLY C 81 -35.94 18.38 27.68
CA GLY C 81 -35.31 17.96 26.45
C GLY C 81 -34.20 16.95 26.67
N LEU C 82 -33.56 16.58 25.56
CA LEU C 82 -32.49 15.59 25.59
C LEU C 82 -31.21 16.20 26.15
N GLU C 83 -30.45 15.39 26.89
CA GLU C 83 -29.19 15.83 27.47
C GLU C 83 -28.14 14.75 27.24
N TRP C 84 -26.98 15.16 26.73
CA TRP C 84 -25.91 14.24 26.41
C TRP C 84 -25.19 13.81 27.67
N VAL C 85 -25.00 12.49 27.84
CA VAL C 85 -24.42 11.96 29.07
C VAL C 85 -22.97 11.54 28.85
N ALA C 86 -22.73 10.60 27.94
CA ALA C 86 -21.39 10.02 27.84
C ALA C 86 -21.11 9.55 26.41
N TYR C 87 -19.83 9.42 26.09
CA TYR C 87 -19.37 8.97 24.78
C TYR C 87 -18.12 8.11 24.93
N ILE C 88 -18.08 6.99 24.22
CA ILE C 88 -16.90 6.14 24.25
C ILE C 88 -16.50 5.86 22.80
N SER C 89 -15.28 6.22 22.43
CA SER C 89 -14.83 6.03 21.05
C SER C 89 -14.61 4.57 20.74
N SER C 90 -14.61 4.22 19.45
CA SER C 90 -14.33 2.85 19.05
C SER C 90 -12.96 2.48 19.60
N GLY C 91 -12.72 1.19 19.80
CA GLY C 91 -11.46 0.80 20.39
C GLY C 91 -11.27 1.24 21.83
N SER C 92 -12.22 1.98 22.39
CA SER C 92 -12.22 2.42 23.78
C SER C 92 -11.02 3.31 24.11
N GLY C 93 -10.41 3.93 23.10
CA GLY C 93 -9.27 4.79 23.34
C GLY C 93 -9.60 6.21 23.71
N THR C 94 -10.87 6.60 23.68
CA THR C 94 -11.29 7.95 23.99
C THR C 94 -12.63 7.92 24.70
N ILE C 95 -12.72 8.56 25.85
CA ILE C 95 -13.92 8.56 26.68
C ILE C 95 -14.21 9.99 27.12
N TYR C 96 -15.46 10.41 27.01
CA TYR C 96 -15.91 11.71 27.49
C TYR C 96 -17.18 11.56 28.30
N TYR C 97 -17.33 12.41 29.31
CA TYR C 97 -18.54 12.41 30.12
C TYR C 97 -18.96 13.85 30.28
N ALA C 98 -20.05 14.08 30.99
CA ALA C 98 -20.56 15.42 31.18
C ALA C 98 -20.46 15.76 32.63
N ASP C 99 -20.56 17.04 32.99
CA ASP C 99 -20.36 17.43 34.40
C ASP C 99 -21.28 16.77 35.40
N THR C 100 -22.58 16.85 35.18
CA THR C 100 -23.53 16.32 36.14
C THR C 100 -23.27 14.87 36.50
N VAL C 101 -22.42 14.19 35.74
CA VAL C 101 -22.21 12.79 35.99
C VAL C 101 -20.74 12.47 36.13
N LYS C 102 -19.89 13.40 35.75
CA LYS C 102 -18.45 13.16 35.80
C LYS C 102 -18.03 12.67 37.17
N GLY C 103 -17.19 11.65 37.20
CA GLY C 103 -16.79 11.07 38.48
C GLY C 103 -17.69 9.97 38.99
N ARG C 104 -18.99 10.14 38.89
CA ARG C 104 -19.88 9.13 39.43
C ARG C 104 -20.50 8.24 38.35
N PHE C 105 -19.99 8.29 37.11
CA PHE C 105 -20.46 7.38 36.05
C PHE C 105 -19.31 6.82 35.25
N THR C 106 -19.47 5.64 34.69
CA THR C 106 -18.45 4.98 33.89
C THR C 106 -19.08 4.31 32.69
N ILE C 107 -18.43 4.44 31.54
CA ILE C 107 -18.89 3.85 30.29
C ILE C 107 -17.87 2.81 29.84
N SER C 108 -18.36 1.66 29.39
CA SER C 108 -17.48 0.60 28.93
C SER C 108 -18.17 -0.15 27.80
N ARG C 109 -17.37 -0.89 27.03
CA ARG C 109 -17.91 -1.69 25.93
C ARG C 109 -17.24 -3.06 25.93
N ASP C 110 -17.99 -4.04 25.44
CA ASP C 110 -17.51 -5.42 25.26
C ASP C 110 -17.76 -5.74 23.79
N ASP C 111 -16.71 -5.60 22.98
CA ASP C 111 -16.81 -5.89 21.56
C ASP C 111 -17.09 -7.36 21.26
N PRO C 112 -16.43 -8.34 21.88
CA PRO C 112 -16.77 -9.74 21.56
C PRO C 112 -18.23 -10.09 21.82
N LYS C 113 -18.83 -9.51 22.86
CA LYS C 113 -20.23 -9.76 23.16
C LYS C 113 -21.16 -8.69 22.58
N ASN C 114 -20.62 -7.64 21.96
CA ASN C 114 -21.40 -6.55 21.39
C ASN C 114 -22.35 -5.95 22.44
N THR C 115 -21.76 -5.42 23.50
CA THR C 115 -22.55 -4.87 24.60
C THR C 115 -21.93 -3.55 25.05
N LEU C 116 -22.76 -2.63 25.52
CA LEU C 116 -22.29 -1.37 26.09
C LEU C 116 -22.86 -1.23 27.50
N PHE C 117 -21.97 -0.96 28.47
CA PHE C 117 -22.33 -0.87 29.87
C PHE C 117 -22.18 0.55 30.39
N LEU C 118 -23.18 1.01 31.14
CA LEU C 118 -23.09 2.26 31.89
C LEU C 118 -23.27 1.94 33.36
N GLN C 119 -22.23 2.17 34.16
CA GLN C 119 -22.24 1.90 35.59
C GLN C 119 -22.26 3.22 36.34
N MET C 120 -23.30 3.40 37.15
CA MET C 120 -23.43 4.63 37.92
C MET C 120 -23.47 4.35 39.40
N THR C 121 -22.94 5.28 40.18
CA THR C 121 -22.91 5.16 41.63
C THR C 121 -23.22 6.52 42.25
N SER C 122 -23.64 6.48 43.51
CA SER C 122 -24.08 7.68 44.24
C SER C 122 -25.21 8.37 43.48
N LEU C 123 -26.28 7.62 43.27
CA LEU C 123 -27.38 8.02 42.40
C LEU C 123 -28.30 8.99 43.13
N ARG C 124 -28.41 10.21 42.60
CA ARG C 124 -29.22 11.25 43.22
C ARG C 124 -30.63 11.25 42.64
N SER C 125 -31.44 12.19 43.11
CA SER C 125 -32.82 12.32 42.66
C SER C 125 -32.95 13.10 41.36
N GLU C 126 -31.86 13.65 40.85
CA GLU C 126 -31.87 14.33 39.56
C GLU C 126 -31.48 13.41 38.41
N ASP C 127 -31.24 12.13 38.68
CA ASP C 127 -30.82 11.16 37.66
C ASP C 127 -31.96 10.23 37.26
N THR C 128 -33.21 10.69 37.37
CA THR C 128 -34.37 9.92 36.93
C THR C 128 -34.79 10.43 35.56
N ALA C 129 -34.72 9.57 34.56
CA ALA C 129 -34.92 9.99 33.17
C ALA C 129 -34.99 8.73 32.31
N MET C 130 -35.19 8.95 31.00
CA MET C 130 -35.12 7.87 30.02
C MET C 130 -33.79 7.95 29.29
N TYR C 131 -33.10 6.81 29.25
CA TYR C 131 -31.76 6.77 28.66
C TYR C 131 -31.70 6.04 27.33
N TYR C 132 -31.18 6.69 26.31
CA TYR C 132 -31.09 6.18 24.95
C TYR C 132 -29.64 5.94 24.57
N CYS C 133 -29.43 4.94 23.72
CA CYS C 133 -28.12 4.61 23.19
C CYS C 133 -28.07 5.02 21.72
N VAL C 134 -27.03 5.76 21.35
CA VAL C 134 -26.87 6.28 20.00
C VAL C 134 -25.54 5.81 19.45
N ARG C 135 -25.53 5.44 18.17
CA ARG C 135 -24.30 5.09 17.49
C ARG C 135 -23.85 6.24 16.59
N SER C 136 -22.55 6.30 16.32
CA SER C 136 -22.01 7.35 15.49
C SER C 136 -20.64 6.93 14.97
N ILE C 137 -20.45 7.05 13.66
CA ILE C 137 -19.18 6.72 13.01
C ILE C 137 -18.67 7.97 12.30
N TYR C 138 -17.35 8.18 12.36
CA TYR C 138 -16.75 9.43 11.90
C TYR C 138 -15.68 9.14 10.86
N TYR C 139 -15.99 9.44 9.60
CA TYR C 139 -15.01 9.54 8.53
C TYR C 139 -15.48 10.63 7.58
N TYR C 140 -14.76 10.80 6.47
CA TYR C 140 -15.11 11.86 5.52
C TYR C 140 -16.41 11.49 4.82
N GLY C 141 -17.48 12.23 5.11
CA GLY C 141 -18.76 11.97 4.53
C GLY C 141 -19.69 11.09 5.33
N SER C 142 -19.37 10.84 6.60
CA SER C 142 -20.18 9.97 7.43
C SER C 142 -21.42 10.71 7.94
N SER C 143 -22.31 9.96 8.59
CA SER C 143 -23.57 10.47 9.12
C SER C 143 -23.69 10.08 10.58
N PRO C 144 -23.09 10.87 11.47
CA PRO C 144 -23.17 10.55 12.90
C PRO C 144 -24.60 10.65 13.43
N PHE C 145 -24.86 9.90 14.50
CA PHE C 145 -26.17 9.91 15.18
C PHE C 145 -27.28 9.42 14.25
N ASP C 146 -26.96 8.44 13.41
CA ASP C 146 -27.93 7.97 12.43
C ASP C 146 -29.02 7.13 13.06
N PHE C 147 -28.66 6.28 14.03
CA PHE C 147 -29.59 5.34 14.63
C PHE C 147 -29.65 5.55 16.14
N TRP C 148 -30.86 5.51 16.70
CA TRP C 148 -31.10 5.62 18.12
C TRP C 148 -31.73 4.34 18.64
N GLY C 149 -31.52 4.08 19.93
CA GLY C 149 -32.11 2.91 20.58
C GLY C 149 -33.55 3.14 20.95
N GLN C 150 -33.98 2.48 22.04
CA GLN C 150 -35.32 2.63 22.55
C GLN C 150 -35.39 3.24 23.95
N GLY C 151 -34.39 3.01 24.77
CA GLY C 151 -34.38 3.62 26.08
C GLY C 151 -34.78 2.76 27.27
N THR C 152 -34.32 3.13 28.45
CA THR C 152 -34.70 2.42 29.65
C THR C 152 -35.15 3.45 30.64
N THR C 153 -36.36 3.32 31.18
CA THR C 153 -36.79 4.23 32.22
C THR C 153 -35.99 4.03 33.49
N LEU C 154 -35.82 5.10 34.26
CA LEU C 154 -35.07 5.00 35.50
C LEU C 154 -35.60 6.00 36.52
N THR C 155 -35.78 5.56 37.76
CA THR C 155 -36.24 6.47 38.81
C THR C 155 -35.46 6.30 40.09
N VAL C 156 -35.04 7.42 40.65
CA VAL C 156 -34.32 7.39 41.90
C VAL C 156 -35.07 8.31 42.81
N SER C 157 -36.18 7.85 43.34
CA SER C 157 -37.00 8.67 44.23
C SER C 157 -36.23 9.06 45.48
N GLY C 172 -20.85 24.49 33.23
CA GLY C 172 -19.85 25.53 33.11
C GLY C 172 -20.28 26.71 32.25
N SER C 173 -19.31 27.39 31.65
CA SER C 173 -19.59 28.54 30.80
C SER C 173 -18.98 28.45 29.42
N ALA C 174 -17.98 27.60 29.19
CA ALA C 174 -17.35 27.48 27.88
C ALA C 174 -18.21 26.70 26.90
N ASP C 175 -19.16 25.90 27.38
CA ASP C 175 -20.02 25.13 26.49
C ASP C 175 -20.96 26.04 25.72
N ILE C 176 -21.23 25.68 24.47
CA ILE C 176 -22.08 26.49 23.61
C ILE C 176 -23.54 26.31 24.02
N VAL C 177 -24.23 27.43 24.20
CA VAL C 177 -25.65 27.42 24.58
C VAL C 177 -26.48 27.52 23.31
N MET C 178 -27.31 26.51 23.07
CA MET C 178 -28.18 26.45 21.90
C MET C 178 -29.59 26.86 22.33
N THR C 179 -30.07 27.98 21.79
CA THR C 179 -31.35 28.56 22.18
C THR C 179 -32.30 28.52 21.00
N GLN C 180 -33.47 27.92 21.22
CA GLN C 180 -34.57 27.96 20.26
C GLN C 180 -35.60 28.95 20.77
N ALA C 181 -35.73 30.09 20.08
CA ALA C 181 -36.60 31.16 20.55
C ALA C 181 -38.05 30.71 20.63
N THR C 182 -38.53 30.03 19.60
CA THR C 182 -39.90 29.56 19.59
C THR C 182 -40.05 28.28 20.41
N SER C 183 -41.28 28.03 20.85
CA SER C 183 -41.57 26.84 21.65
C SER C 183 -42.82 26.09 21.22
N SER C 184 -43.70 26.69 20.41
CA SER C 184 -44.92 26.02 19.97
C SER C 184 -45.42 26.72 18.72
N VAL C 185 -45.44 25.99 17.60
CA VAL C 185 -45.89 26.55 16.32
C VAL C 185 -47.04 25.70 15.79
N PRO C 186 -48.30 26.06 16.05
CA PRO C 186 -49.42 25.31 15.48
C PRO C 186 -49.62 25.69 14.02
N VAL C 187 -49.52 24.68 13.15
CA VAL C 187 -49.69 24.91 11.73
C VAL C 187 -50.56 23.84 11.12
N THR C 188 -51.51 24.25 10.28
CA THR C 188 -52.42 23.33 9.62
C THR C 188 -51.69 22.53 8.55
N PRO C 189 -52.19 21.33 8.22
CA PRO C 189 -51.55 20.53 7.17
C PRO C 189 -51.55 21.26 5.83
N GLY C 190 -50.51 21.00 5.05
CA GLY C 190 -50.38 21.63 3.74
C GLY C 190 -49.83 23.04 3.77
N GLU C 191 -48.97 23.36 4.75
CA GLU C 191 -48.39 24.68 4.86
C GLU C 191 -46.88 24.55 5.06
N SER C 192 -46.18 25.66 4.85
CA SER C 192 -44.73 25.72 4.98
C SER C 192 -44.36 26.28 6.36
N VAL C 193 -43.50 25.56 7.07
CA VAL C 193 -43.11 25.93 8.42
C VAL C 193 -41.61 26.21 8.44
N SER C 194 -41.19 27.07 9.37
CA SER C 194 -39.78 27.38 9.56
C SER C 194 -39.49 27.40 11.06
N ILE C 195 -38.45 26.68 11.47
CA ILE C 195 -38.03 26.61 12.86
C ILE C 195 -36.63 27.20 12.96
N SER C 196 -36.45 28.14 13.88
CA SER C 196 -35.20 28.88 14.02
C SER C 196 -34.44 28.42 15.26
N CYS C 197 -33.13 28.24 15.09
CA CYS C 197 -32.23 27.87 16.17
C CYS C 197 -31.06 28.84 16.19
N ARG C 198 -30.52 29.07 17.38
CA ARG C 198 -29.46 30.04 17.58
C ARG C 198 -28.29 29.40 18.31
N SER C 199 -27.10 30.00 18.13
CA SER C 199 -25.89 29.52 18.75
C SER C 199 -25.15 30.69 19.40
N SER C 200 -24.49 30.40 20.52
CA SER C 200 -23.67 31.41 21.17
C SER C 200 -22.37 31.65 20.43
N LYS C 201 -21.77 30.58 19.90
CA LYS C 201 -20.54 30.65 19.14
C LYS C 201 -20.78 30.21 17.71
N SER C 202 -19.99 30.74 16.79
CA SER C 202 -20.11 30.36 15.39
C SER C 202 -19.72 28.89 15.21
N LEU C 203 -20.60 28.11 14.59
CA LEU C 203 -20.34 26.71 14.36
C LEU C 203 -19.56 26.44 13.08
N LEU C 204 -19.30 27.47 12.28
CA LEU C 204 -18.57 27.31 11.03
C LEU C 204 -17.08 27.16 11.33
N HIS C 205 -16.57 25.94 11.24
CA HIS C 205 -15.15 25.70 11.47
C HIS C 205 -14.34 26.22 10.28
N SER C 206 -13.02 26.28 10.45
CA SER C 206 -12.14 26.81 9.39
C SER C 206 -11.76 25.77 8.35
N ASN C 207 -12.66 24.87 8.02
CA ASN C 207 -12.43 23.86 7.00
C ASN C 207 -13.56 23.73 5.99
N GLY C 208 -14.62 24.52 6.20
CA GLY C 208 -15.75 24.49 5.30
C GLY C 208 -16.95 23.88 5.95
N ASN C 209 -16.73 23.11 7.00
CA ASN C 209 -17.82 22.40 7.61
C ASN C 209 -18.42 23.11 8.76
N THR C 210 -19.73 23.13 8.83
CA THR C 210 -20.40 23.69 9.99
C THR C 210 -21.18 22.58 10.67
N TYR C 211 -20.92 22.35 11.95
CA TYR C 211 -21.57 21.28 12.64
C TYR C 211 -22.87 21.59 13.37
N LEU C 212 -24.00 21.39 12.74
CA LEU C 212 -25.31 21.60 13.34
C LEU C 212 -26.22 20.48 12.88
N TYR C 213 -26.95 19.87 13.82
CA TYR C 213 -27.76 18.69 13.55
C TYR C 213 -29.21 18.95 13.91
N TRP C 214 -30.13 18.46 13.08
CA TRP C 214 -31.55 18.53 13.32
C TRP C 214 -32.12 17.12 13.47
N PHE C 215 -32.70 16.85 14.63
CA PHE C 215 -33.41 15.62 14.93
C PHE C 215 -34.91 15.90 15.08
N LEU C 216 -35.69 14.83 15.06
CA LEU C 216 -37.14 14.91 15.28
C LEU C 216 -37.56 13.78 16.21
N GLN C 217 -38.34 14.11 17.23
CA GLN C 217 -38.86 13.13 18.18
C GLN C 217 -40.39 13.12 18.09
N ARG C 218 -40.94 12.11 17.43
CA ARG C 218 -42.37 11.90 17.44
C ARG C 218 -42.81 11.41 18.81
N PRO C 219 -44.07 11.66 19.20
CA PRO C 219 -44.47 11.32 20.58
C PRO C 219 -44.62 9.82 20.76
N GLY C 220 -44.08 9.33 21.88
CA GLY C 220 -44.05 7.91 22.15
C GLY C 220 -42.94 7.15 21.49
N GLN C 221 -42.05 7.88 20.81
CA GLN C 221 -40.94 7.24 20.09
C GLN C 221 -39.62 7.96 20.30
N SER C 222 -38.52 7.30 19.93
CA SER C 222 -37.19 7.85 20.11
C SER C 222 -36.87 8.83 18.99
N PRO C 223 -35.96 9.79 19.26
CA PRO C 223 -35.58 10.76 18.22
C PRO C 223 -35.06 10.13 16.93
N GLN C 224 -35.00 10.90 15.85
CA GLN C 224 -34.54 10.37 14.58
C GLN C 224 -33.70 11.44 13.92
N LEU C 225 -32.79 11.06 13.04
CA LEU C 225 -31.91 12.08 12.51
C LEU C 225 -32.48 12.57 11.24
N LEU C 226 -32.69 13.87 11.16
CA LEU C 226 -33.14 14.46 9.91
C LEU C 226 -31.99 15.05 9.10
N ILE C 227 -31.23 15.97 9.69
CA ILE C 227 -30.21 16.71 8.96
C ILE C 227 -28.92 16.73 9.77
N TYR C 228 -27.79 16.54 9.07
CA TYR C 228 -26.47 16.68 9.66
C TYR C 228 -25.67 17.70 8.88
N ARG C 229 -24.95 18.57 9.60
CA ARG C 229 -24.12 19.62 9.03
C ARG C 229 -24.95 20.66 8.25
N MET C 230 -26.20 20.83 8.67
CA MET C 230 -27.09 21.93 8.29
C MET C 230 -27.58 21.84 6.85
N SER C 231 -26.99 20.95 6.05
CA SER C 231 -27.33 20.94 4.64
C SER C 231 -27.43 19.55 4.02
N ASN C 232 -27.28 18.49 4.80
CA ASN C 232 -27.31 17.12 4.28
C ASN C 232 -28.49 16.38 4.88
N LEU C 233 -29.24 15.69 4.02
CA LEU C 233 -30.39 14.92 4.46
C LEU C 233 -29.99 13.49 4.76
N ALA C 234 -30.52 12.96 5.86
CA ALA C 234 -30.20 11.60 6.26
C ALA C 234 -30.93 10.60 5.35
N SER C 235 -30.41 9.37 5.33
CA SER C 235 -31.01 8.30 4.55
C SER C 235 -32.35 7.91 5.16
N GLY C 236 -33.37 7.79 4.33
CA GLY C 236 -34.72 7.49 4.78
C GLY C 236 -35.56 8.70 5.14
N VAL C 237 -35.11 9.90 4.82
CA VAL C 237 -35.83 11.14 5.11
C VAL C 237 -36.49 11.63 3.83
N PRO C 238 -37.79 12.00 3.91
CA PRO C 238 -38.41 12.57 2.72
C PRO C 238 -37.67 13.82 2.27
N ASP C 239 -37.89 14.25 1.04
CA ASP C 239 -37.15 15.39 0.51
C ASP C 239 -37.64 16.75 1.02
N ARG C 240 -38.73 16.77 1.77
CA ARG C 240 -39.33 18.05 2.22
C ARG C 240 -38.52 18.95 3.16
N PHE C 241 -37.63 18.38 3.97
CA PHE C 241 -36.93 19.19 4.96
C PHE C 241 -35.70 19.84 4.34
N SER C 242 -35.40 21.05 4.79
CA SER C 242 -34.24 21.79 4.32
C SER C 242 -33.61 22.53 5.49
N GLY C 243 -32.32 22.79 5.38
CA GLY C 243 -31.59 23.51 6.41
C GLY C 243 -30.74 24.61 5.83
N SER C 244 -30.82 25.79 6.45
CA SER C 244 -30.04 26.94 6.04
C SER C 244 -29.41 27.57 7.26
N GLY C 245 -28.35 28.34 7.05
CA GLY C 245 -27.68 28.99 8.15
C GLY C 245 -26.59 29.92 7.67
N SER C 246 -26.04 30.68 8.61
CA SER C 246 -24.97 31.63 8.34
C SER C 246 -23.89 31.58 9.42
N GLY C 247 -23.89 30.53 10.24
CA GLY C 247 -22.92 30.36 11.30
C GLY C 247 -23.47 30.57 12.69
N THR C 248 -24.48 31.42 12.85
CA THR C 248 -25.05 31.70 14.15
C THR C 248 -26.56 31.45 14.22
N ALA C 249 -27.29 31.71 13.14
CA ALA C 249 -28.73 31.48 13.08
C ALA C 249 -29.01 30.42 12.02
N PHE C 250 -29.82 29.43 12.37
CA PHE C 250 -30.13 28.32 11.49
C PHE C 250 -31.64 28.19 11.36
N THR C 251 -32.07 27.74 10.18
CA THR C 251 -33.49 27.65 9.84
C THR C 251 -33.79 26.30 9.23
N LEU C 252 -34.88 25.69 9.69
CA LEU C 252 -35.40 24.43 9.15
C LEU C 252 -36.72 24.70 8.46
N THR C 253 -36.89 24.14 7.26
CA THR C 253 -38.07 24.39 6.43
C THR C 253 -38.74 23.06 6.14
N ILE C 254 -39.90 22.83 6.77
CA ILE C 254 -40.73 21.66 6.48
C ILE C 254 -41.74 22.10 5.42
N SER C 255 -41.36 21.99 4.15
CA SER C 255 -42.25 22.34 3.06
C SER C 255 -43.26 21.24 2.81
N ARG C 256 -44.51 21.63 2.54
CA ARG C 256 -45.62 20.71 2.30
C ARG C 256 -45.80 19.76 3.48
N LEU C 257 -46.16 20.34 4.62
CA LEU C 257 -46.33 19.57 5.84
C LEU C 257 -47.43 18.52 5.68
N GLU C 258 -47.17 17.31 6.16
CA GLU C 258 -48.15 16.23 6.02
C GLU C 258 -48.60 15.70 7.37
N ALA C 259 -49.21 14.53 7.37
CA ALA C 259 -49.74 13.98 8.62
C ALA C 259 -48.75 13.09 9.37
N GLU C 260 -47.48 13.51 9.45
CA GLU C 260 -46.52 12.74 10.23
C GLU C 260 -45.52 13.64 10.94
N ASP C 261 -45.22 14.79 10.36
CA ASP C 261 -44.21 15.67 10.97
C ASP C 261 -44.80 16.44 12.15
N VAL C 262 -45.22 15.69 13.16
CA VAL C 262 -45.73 16.25 14.41
C VAL C 262 -44.86 15.75 15.55
N GLY C 263 -44.34 16.68 16.34
CA GLY C 263 -43.47 16.32 17.45
C GLY C 263 -42.63 17.51 17.89
N VAL C 264 -41.45 17.19 18.42
CA VAL C 264 -40.52 18.19 18.93
C VAL C 264 -39.24 18.13 18.12
N TYR C 265 -38.69 19.29 17.80
CA TYR C 265 -37.48 19.42 17.00
C TYR C 265 -36.36 19.98 17.86
N TYR C 266 -35.21 19.29 17.86
CA TYR C 266 -34.05 19.68 18.64
C TYR C 266 -32.89 19.98 17.69
N CYS C 267 -32.22 21.10 17.93
CA CYS C 267 -31.02 21.47 17.18
C CYS C 267 -29.79 21.21 18.05
N MET C 268 -28.85 20.43 17.52
CA MET C 268 -27.67 20.00 18.25
C MET C 268 -26.41 20.45 17.54
N GLN C 269 -25.36 20.70 18.33
CA GLN C 269 -24.05 21.06 17.81
C GLN C 269 -23.06 19.94 18.07
N HIS C 270 -22.02 19.89 17.23
CA HIS C 270 -20.96 18.91 17.41
C HIS C 270 -19.59 19.53 17.16
N LEU C 271 -19.43 20.81 17.48
CA LEU C 271 -18.18 21.46 17.21
C LEU C 271 -17.21 21.20 18.31
N GLU C 272 -17.70 21.16 19.53
CA GLU C 272 -16.81 21.03 20.65
C GLU C 272 -17.19 19.89 21.57
N TYR C 273 -16.25 19.43 22.37
CA TYR C 273 -16.47 18.24 23.21
C TYR C 273 -17.78 18.13 23.92
N PRO C 274 -18.10 19.04 24.83
CA PRO C 274 -19.41 18.81 25.43
C PRO C 274 -20.45 19.04 24.35
N LEU C 275 -21.54 18.29 24.30
CA LEU C 275 -22.50 18.42 23.22
C LEU C 275 -23.73 18.95 23.84
N THR C 276 -24.38 19.89 23.18
CA THR C 276 -25.49 20.58 23.81
C THR C 276 -26.70 20.57 22.88
N PHE C 277 -27.86 20.29 23.44
CA PHE C 277 -29.11 20.26 22.69
C PHE C 277 -29.85 21.58 22.86
N GLY C 278 -31.01 21.68 22.20
CA GLY C 278 -31.86 22.83 22.35
C GLY C 278 -32.99 22.59 23.34
N ALA C 279 -33.82 23.62 23.51
CA ALA C 279 -34.96 23.51 24.41
C ALA C 279 -36.08 22.69 23.80
N GLY C 280 -36.22 22.71 22.48
CA GLY C 280 -37.26 21.97 21.80
C GLY C 280 -38.37 22.89 21.31
N THR C 281 -38.98 22.49 20.19
CA THR C 281 -40.07 23.25 19.58
C THR C 281 -41.17 22.29 19.18
N LYS C 282 -42.37 22.54 19.67
CA LYS C 282 -43.50 21.64 19.44
C LYS C 282 -44.32 22.08 18.25
N LEU C 283 -44.70 21.10 17.42
CA LEU C 283 -45.57 21.33 16.27
C LEU C 283 -46.90 20.62 16.51
N GLU C 284 -47.99 21.38 16.40
CA GLU C 284 -49.33 20.86 16.62
C GLU C 284 -50.19 21.10 15.39
N LEU C 285 -51.19 20.24 15.21
CA LEU C 285 -52.09 20.33 14.07
C LEU C 285 -53.01 21.55 14.18
N SER D 6 -13.31 20.22 14.34
CA SER D 6 -12.16 19.42 14.64
C SER D 6 -12.48 18.54 15.80
N ALA D 7 -13.75 18.23 16.01
CA ALA D 7 -14.07 17.27 17.03
C ALA D 7 -14.39 16.05 16.28
N GLU D 8 -14.90 16.22 15.07
CA GLU D 8 -15.24 15.11 14.24
C GLU D 8 -14.15 14.91 13.25
N ASP D 9 -13.01 15.50 13.48
CA ASP D 9 -11.90 15.29 12.60
C ASP D 9 -10.77 14.77 13.39
N LYS D 10 -11.01 14.55 14.66
CA LYS D 10 -9.99 13.98 15.52
C LYS D 10 -10.41 12.56 15.63
N ALA D 11 -11.68 12.25 15.44
CA ALA D 11 -12.13 10.87 15.32
C ALA D 11 -11.75 10.28 13.97
N ALA D 12 -11.70 11.10 12.91
CA ALA D 12 -11.22 10.60 11.63
C ALA D 12 -9.76 10.18 11.72
N VAL D 13 -8.93 10.97 12.41
CA VAL D 13 -7.53 10.60 12.60
C VAL D 13 -7.42 9.33 13.45
N GLU D 14 -8.26 9.22 14.47
CA GLU D 14 -8.26 8.01 15.29
C GLU D 14 -8.63 6.78 14.46
N ARG D 15 -9.57 6.87 13.52
CA ARG D 15 -9.93 5.75 12.66
C ARG D 15 -8.83 5.35 11.72
N SER D 16 -8.12 6.32 11.16
CA SER D 16 -7.04 6.03 10.22
C SER D 16 -5.83 5.41 10.92
N LYS D 17 -5.83 5.39 12.24
CA LYS D 17 -4.71 4.86 12.99
C LYS D 17 -5.06 3.50 13.53
N MET D 18 -6.34 3.16 13.48
CA MET D 18 -6.78 1.87 13.96
C MET D 18 -6.66 0.91 12.79
N ILE D 19 -6.91 1.42 11.58
CA ILE D 19 -6.82 0.63 10.35
C ILE D 19 -5.46 0.67 9.78
N ASP D 20 -4.58 1.47 10.31
CA ASP D 20 -3.21 1.40 9.92
C ASP D 20 -2.55 0.52 10.89
N ARG D 21 -3.26 0.10 11.93
CA ARG D 21 -2.62 -0.85 12.82
C ARG D 21 -2.96 -2.29 12.46
N ASN D 22 -3.96 -2.50 11.61
CA ASN D 22 -4.29 -3.83 11.11
C ASN D 22 -3.59 -4.15 9.81
N LEU D 23 -3.14 -3.13 9.06
CA LEU D 23 -2.32 -3.37 7.88
C LEU D 23 -0.92 -3.81 8.29
N ARG D 24 -0.40 -3.23 9.38
CA ARG D 24 0.92 -3.63 9.87
C ARG D 24 0.91 -5.05 10.41
N GLU D 25 -0.11 -5.39 11.21
CA GLU D 25 -0.21 -6.74 11.74
C GLU D 25 -0.41 -7.76 10.64
N ASP D 26 -1.26 -7.45 9.65
CA ASP D 26 -1.46 -8.36 8.53
C ASP D 26 -0.20 -8.45 7.68
N GLY D 27 0.54 -7.36 7.54
CA GLY D 27 1.79 -7.41 6.80
C GLY D 27 2.83 -8.28 7.49
N GLU D 28 2.92 -8.19 8.82
CA GLU D 28 3.84 -9.04 9.55
C GLU D 28 3.41 -10.49 9.52
N LYS D 29 2.09 -10.75 9.53
CA LYS D 29 1.62 -12.13 9.45
C LYS D 29 1.85 -12.72 8.06
N ALA D 30 1.79 -11.89 7.01
CA ALA D 30 1.99 -12.36 5.65
C ALA D 30 3.46 -12.38 5.23
N ALA D 31 4.37 -11.86 6.06
CA ALA D 31 5.79 -11.89 5.77
C ALA D 31 6.49 -13.10 6.37
N ARG D 32 5.76 -13.97 7.07
CA ARG D 32 6.30 -15.17 7.69
C ARG D 32 5.98 -16.42 6.88
N GLU D 33 5.57 -16.26 5.63
CA GLU D 33 5.09 -17.37 4.82
C GLU D 33 6.04 -17.62 3.65
N VAL D 34 6.10 -18.87 3.23
CA VAL D 34 6.89 -19.28 2.07
C VAL D 34 6.00 -19.24 0.84
N LYS D 35 6.53 -18.71 -0.26
CA LYS D 35 5.79 -18.57 -1.51
C LYS D 35 6.52 -19.30 -2.63
N LEU D 36 5.80 -20.19 -3.31
CA LEU D 36 6.38 -21.02 -4.37
C LEU D 36 5.51 -20.91 -5.61
N LEU D 37 6.09 -20.41 -6.69
CA LEU D 37 5.41 -20.48 -7.98
C LEU D 37 5.55 -21.91 -8.52
N LEU D 38 4.55 -22.34 -9.29
CA LEU D 38 4.53 -23.70 -9.83
C LEU D 38 4.47 -23.59 -11.35
N LEU D 39 5.61 -23.77 -12.00
CA LEU D 39 5.70 -23.66 -13.45
C LEU D 39 5.88 -25.04 -14.06
N GLY D 40 6.01 -25.07 -15.36
CA GLY D 40 6.15 -26.33 -16.03
C GLY D 40 5.29 -26.41 -17.27
N ALA D 41 5.77 -27.08 -18.29
CA ALA D 41 4.96 -27.28 -19.45
C ALA D 41 3.77 -28.08 -18.99
N GLY D 42 2.71 -28.14 -19.78
CA GLY D 42 1.51 -28.83 -19.32
C GLY D 42 1.70 -30.31 -19.49
N GLU D 43 0.74 -31.10 -19.00
CA GLU D 43 0.83 -32.54 -19.12
C GLU D 43 2.16 -32.93 -18.57
N SER D 44 2.44 -32.51 -17.34
CA SER D 44 3.75 -32.74 -16.79
C SER D 44 3.76 -33.48 -15.47
N GLY D 45 2.78 -33.26 -14.62
CA GLY D 45 2.90 -33.88 -13.31
C GLY D 45 2.57 -32.94 -12.17
N LYS D 46 2.18 -31.71 -12.50
CA LYS D 46 1.80 -30.74 -11.47
C LYS D 46 0.58 -31.21 -10.70
N SER D 47 -0.39 -31.79 -11.41
CA SER D 47 -1.59 -32.31 -10.73
C SER D 47 -1.24 -33.44 -9.77
N THR D 48 -0.20 -34.20 -10.07
CA THR D 48 0.26 -35.22 -9.13
C THR D 48 0.96 -34.59 -7.93
N ILE D 49 1.81 -33.59 -8.17
CA ILE D 49 2.57 -32.97 -7.10
C ILE D 49 1.63 -32.29 -6.10
N VAL D 50 0.62 -31.57 -6.60
CA VAL D 50 -0.34 -30.93 -5.70
C VAL D 50 -1.14 -31.98 -4.94
N LYS D 51 -1.28 -33.18 -5.49
CA LYS D 51 -1.92 -34.27 -4.76
C LYS D 51 -1.02 -34.88 -3.70
N GLN D 52 0.30 -34.81 -3.90
CA GLN D 52 1.22 -35.41 -2.95
C GLN D 52 1.10 -34.76 -1.57
N MET D 53 1.02 -33.43 -1.53
CA MET D 53 0.94 -32.72 -0.26
C MET D 53 -0.45 -32.84 0.34
N LYS D 54 -0.64 -32.16 1.49
CA LYS D 54 -1.93 -32.20 2.17
C LYS D 54 -3.03 -31.58 1.32
N ILE D 55 -2.72 -30.47 0.65
CA ILE D 55 -3.68 -29.75 -0.19
C ILE D 55 -4.91 -29.36 0.61
N THR D 182 -11.66 -20.28 -13.40
CA THR D 182 -10.80 -19.66 -12.41
C THR D 182 -9.46 -19.29 -13.03
N GLY D 183 -8.90 -18.16 -12.62
CA GLY D 183 -7.65 -17.68 -13.19
C GLY D 183 -6.44 -18.49 -12.75
N ILE D 184 -6.12 -18.29 -11.46
CA ILE D 184 -4.98 -18.90 -10.81
C ILE D 184 -5.47 -19.78 -9.65
N VAL D 185 -4.76 -20.83 -9.24
CA VAL D 185 -5.22 -21.59 -8.09
C VAL D 185 -4.18 -21.66 -6.99
N GLU D 186 -4.40 -20.98 -5.88
CA GLU D 186 -3.48 -21.08 -4.78
C GLU D 186 -3.74 -22.25 -3.80
N THR D 187 -2.70 -22.83 -3.24
CA THR D 187 -2.76 -23.98 -2.34
C THR D 187 -1.95 -23.67 -1.08
N HIS D 188 -2.56 -23.86 0.09
CA HIS D 188 -1.93 -23.55 1.37
C HIS D 188 -1.78 -24.84 2.16
N PHE D 189 -0.59 -25.08 2.69
CA PHE D 189 -0.39 -26.24 3.56
C PHE D 189 0.77 -25.99 4.51
N THR D 190 0.79 -26.75 5.60
CA THR D 190 1.76 -26.55 6.66
C THR D 190 2.58 -27.82 6.88
N PHE D 191 3.83 -27.63 7.31
CA PHE D 191 4.74 -28.73 7.55
C PHE D 191 5.85 -28.26 8.47
N LYS D 192 5.96 -28.88 9.65
CA LYS D 192 7.03 -28.59 10.61
C LYS D 192 7.08 -27.12 10.99
N ASP D 193 5.93 -26.59 11.42
CA ASP D 193 5.80 -25.22 11.88
C ASP D 193 6.19 -24.22 10.78
N LEU D 194 5.88 -24.56 9.54
CA LEU D 194 6.10 -23.68 8.41
C LEU D 194 4.84 -23.62 7.56
N HIS D 195 4.66 -22.51 6.86
CA HIS D 195 3.48 -22.27 6.04
C HIS D 195 3.89 -22.09 4.59
N PHE D 196 3.28 -22.87 3.70
CA PHE D 196 3.62 -22.92 2.29
C PHE D 196 2.42 -22.50 1.46
N LYS D 197 2.62 -21.50 0.62
CA LYS D 197 1.66 -21.10 -0.40
C LYS D 197 2.23 -21.46 -1.76
N MET D 198 1.42 -22.13 -2.59
CA MET D 198 1.83 -22.57 -3.91
C MET D 198 0.88 -21.95 -4.92
N PHE D 199 1.43 -21.22 -5.89
CA PHE D 199 0.65 -20.52 -6.90
C PHE D 199 0.77 -21.27 -8.21
N ASP D 200 -0.35 -21.85 -8.67
CA ASP D 200 -0.42 -22.54 -9.95
C ASP D 200 -1.04 -21.59 -10.96
N VAL D 201 -0.30 -21.23 -11.99
CA VAL D 201 -0.77 -20.27 -12.97
C VAL D 201 -0.71 -20.91 -14.33
N GLY D 202 -1.63 -21.82 -14.60
CA GLY D 202 -1.62 -22.55 -15.85
C GLY D 202 -2.87 -22.42 -16.67
N GLY D 203 -4.00 -22.16 -16.02
CA GLY D 203 -5.23 -21.94 -16.75
C GLY D 203 -5.18 -20.50 -17.16
N GLN D 204 -3.96 -19.98 -17.32
CA GLN D 204 -3.79 -18.60 -17.74
C GLN D 204 -3.12 -18.56 -19.10
N ARG D 205 -3.84 -18.93 -20.15
CA ARG D 205 -3.27 -18.80 -21.46
C ARG D 205 -3.28 -17.35 -21.80
N SER D 206 -2.13 -16.72 -21.84
CA SER D 206 -1.96 -15.30 -22.17
C SER D 206 -0.47 -15.04 -22.38
N GLU D 207 -0.15 -13.78 -22.63
CA GLU D 207 1.25 -13.36 -22.77
C GLU D 207 1.89 -13.32 -21.40
N ARG D 208 2.96 -14.10 -21.20
CA ARG D 208 3.62 -14.17 -19.90
C ARG D 208 4.27 -12.85 -19.53
N LYS D 209 4.67 -12.06 -20.52
CA LYS D 209 5.38 -10.81 -20.25
C LYS D 209 4.53 -9.80 -19.48
N LYS D 210 3.20 -9.94 -19.54
CA LYS D 210 2.32 -8.94 -18.93
C LYS D 210 1.92 -9.27 -17.50
N TRP D 211 2.25 -10.46 -16.99
CA TRP D 211 1.96 -10.79 -15.61
C TRP D 211 3.07 -11.55 -14.89
N ILE D 212 4.22 -11.78 -15.53
CA ILE D 212 5.30 -12.51 -14.87
C ILE D 212 6.07 -11.64 -13.88
N HIS D 213 5.91 -10.32 -13.95
CA HIS D 213 6.53 -9.43 -12.98
C HIS D 213 5.74 -9.36 -11.67
N CYS D 214 4.52 -9.89 -11.65
CA CYS D 214 3.75 -9.89 -10.41
C CYS D 214 4.36 -10.85 -9.39
N PHE D 215 4.88 -11.98 -9.84
CA PHE D 215 5.45 -12.99 -8.95
C PHE D 215 6.90 -12.71 -8.57
N GLU D 216 7.40 -11.51 -8.84
CA GLU D 216 8.71 -11.12 -8.33
C GLU D 216 8.68 -11.13 -6.80
N GLY D 217 9.76 -11.65 -6.21
CA GLY D 217 9.81 -11.80 -4.77
C GLY D 217 9.31 -13.12 -4.23
N VAL D 218 8.78 -13.99 -5.11
CA VAL D 218 8.38 -15.32 -4.67
C VAL D 218 9.60 -16.06 -4.13
N THR D 219 9.38 -16.88 -3.10
CA THR D 219 10.50 -17.52 -2.42
C THR D 219 11.20 -18.53 -3.33
N ALA D 220 10.44 -19.34 -4.06
CA ALA D 220 11.07 -20.33 -4.92
C ALA D 220 10.17 -20.65 -6.11
N ILE D 221 10.75 -21.32 -7.10
CA ILE D 221 10.04 -21.74 -8.31
C ILE D 221 10.16 -23.25 -8.41
N ILE D 222 9.02 -23.94 -8.49
CA ILE D 222 8.98 -25.39 -8.62
C ILE D 222 8.69 -25.71 -10.08
N PHE D 223 9.61 -26.41 -10.71
CA PHE D 223 9.42 -26.74 -12.08
C PHE D 223 9.25 -28.19 -12.23
N CYS D 224 8.17 -28.60 -12.84
CA CYS D 224 7.79 -30.00 -12.97
C CYS D 224 8.00 -30.42 -14.43
N VAL D 225 8.95 -31.33 -14.66
CA VAL D 225 9.28 -31.83 -15.98
C VAL D 225 9.19 -33.34 -15.96
N ALA D 226 8.42 -33.91 -16.89
CA ALA D 226 8.27 -35.35 -16.98
C ALA D 226 9.39 -35.96 -17.82
N LEU D 227 9.72 -37.21 -17.50
CA LEU D 227 10.79 -37.93 -18.19
C LEU D 227 10.29 -38.85 -19.30
N SER D 228 9.00 -39.16 -19.33
CA SER D 228 8.44 -40.13 -20.28
C SER D 228 8.07 -39.51 -21.61
N ASP D 229 8.29 -38.21 -21.78
CA ASP D 229 7.92 -37.53 -23.02
C ASP D 229 9.13 -37.32 -23.92
N TYR D 230 9.96 -38.35 -24.05
CA TYR D 230 11.15 -38.24 -24.89
C TYR D 230 10.85 -38.56 -26.34
N ASP D 231 9.71 -39.19 -26.60
CA ASP D 231 9.35 -39.55 -27.96
C ASP D 231 8.08 -38.86 -28.46
N LEU D 232 7.14 -38.54 -27.57
CA LEU D 232 5.92 -37.89 -27.98
C LEU D 232 6.20 -36.47 -28.47
N VAL D 233 5.40 -36.03 -29.43
CA VAL D 233 5.55 -34.70 -30.00
C VAL D 233 4.39 -33.81 -29.58
N ASN D 241 9.70 -34.65 -28.65
CA ASN D 241 9.76 -33.24 -28.98
C ASN D 241 9.21 -32.39 -27.83
N ARG D 242 8.41 -33.02 -26.96
CA ARG D 242 7.84 -32.30 -25.83
C ARG D 242 8.93 -31.82 -24.88
N MET D 243 9.91 -32.68 -24.65
CA MET D 243 10.97 -32.33 -23.74
C MET D 243 11.64 -31.09 -24.25
N HIS D 244 11.83 -30.99 -25.56
CA HIS D 244 12.52 -29.84 -26.11
C HIS D 244 11.82 -28.57 -25.67
N GLU D 245 10.52 -28.52 -25.89
CA GLU D 245 9.72 -27.39 -25.43
C GLU D 245 9.85 -27.19 -23.94
N SER D 246 10.01 -28.28 -23.17
CA SER D 246 10.20 -28.15 -21.73
C SER D 246 11.49 -27.40 -21.41
N MET D 247 12.58 -27.75 -22.09
CA MET D 247 13.84 -27.04 -21.86
C MET D 247 13.77 -25.60 -22.38
N LYS D 248 13.02 -25.36 -23.46
CA LYS D 248 12.83 -23.98 -23.90
C LYS D 248 12.11 -23.16 -22.83
N LEU D 249 11.07 -23.73 -22.24
CA LEU D 249 10.37 -23.03 -21.16
C LEU D 249 11.29 -22.82 -19.97
N PHE D 250 12.10 -23.84 -19.64
CA PHE D 250 13.01 -23.75 -18.51
C PHE D 250 14.04 -22.64 -18.71
N ASP D 251 14.67 -22.59 -19.88
CA ASP D 251 15.68 -21.56 -20.09
C ASP D 251 15.05 -20.20 -20.38
N SER D 252 13.75 -20.15 -20.65
CA SER D 252 13.06 -18.86 -20.70
C SER D 252 12.84 -18.30 -19.30
N ILE D 253 12.27 -19.09 -18.40
CA ILE D 253 12.01 -18.58 -17.05
C ILE D 253 13.30 -18.43 -16.25
N CYS D 254 14.22 -19.40 -16.35
CA CYS D 254 15.41 -19.39 -15.52
C CYS D 254 16.28 -18.16 -15.79
N ASN D 255 16.46 -17.80 -17.06
CA ASN D 255 17.26 -16.65 -17.44
C ASN D 255 16.45 -15.37 -17.54
N ASN D 256 15.30 -15.30 -16.86
CA ASN D 256 14.47 -14.12 -16.92
C ASN D 256 15.10 -12.97 -16.14
N LYS D 257 14.61 -11.76 -16.41
CA LYS D 257 15.13 -10.57 -15.76
C LYS D 257 14.54 -10.34 -14.37
N TRP D 258 13.46 -11.05 -14.01
CA TRP D 258 12.84 -10.90 -12.70
C TRP D 258 13.19 -12.02 -11.75
N PHE D 259 13.74 -13.13 -12.23
CA PHE D 259 14.05 -14.30 -11.43
C PHE D 259 15.55 -14.57 -11.40
N THR D 260 16.34 -13.51 -11.20
CA THR D 260 17.79 -13.66 -11.27
C THR D 260 18.35 -14.37 -10.05
N ASP D 261 17.77 -14.10 -8.89
CA ASP D 261 18.20 -14.71 -7.63
C ASP D 261 17.10 -15.52 -6.95
N THR D 262 16.19 -16.08 -7.76
CA THR D 262 15.13 -16.93 -7.21
C THR D 262 15.51 -18.37 -7.45
N SER D 263 15.55 -19.16 -6.39
CA SER D 263 15.96 -20.55 -6.53
C SER D 263 14.91 -21.39 -7.24
N ILE D 264 15.37 -22.40 -7.96
CA ILE D 264 14.52 -23.26 -8.77
C ILE D 264 14.66 -24.69 -8.27
N ILE D 265 13.63 -25.19 -7.59
CA ILE D 265 13.53 -26.61 -7.28
C ILE D 265 12.97 -27.31 -8.51
N LEU D 266 13.62 -28.39 -8.93
CA LEU D 266 13.26 -29.11 -10.13
C LEU D 266 12.84 -30.53 -9.77
N PHE D 267 11.67 -30.97 -10.18
CA PHE D 267 11.18 -32.28 -9.84
C PHE D 267 10.99 -33.08 -11.07
N LEU D 268 11.11 -34.39 -11.01
CA LEU D 268 10.85 -35.27 -12.13
C LEU D 268 9.95 -36.40 -11.66
N ASN D 269 8.66 -36.13 -11.51
CA ASN D 269 7.72 -37.12 -10.98
C ASN D 269 7.60 -38.40 -11.82
N LYS D 270 7.77 -38.29 -13.12
CA LYS D 270 7.60 -39.46 -13.98
C LYS D 270 8.88 -40.28 -14.12
N LYS D 271 8.93 -41.45 -13.51
CA LYS D 271 10.09 -42.30 -13.69
C LYS D 271 9.77 -43.80 -13.63
N ASP D 272 8.51 -44.15 -13.36
CA ASP D 272 8.15 -45.57 -13.25
C ASP D 272 8.21 -46.25 -14.61
N LEU D 273 7.43 -45.77 -15.57
CA LEU D 273 7.42 -46.32 -16.91
C LEU D 273 8.54 -45.77 -17.78
N PHE D 274 9.33 -44.83 -17.26
CA PHE D 274 10.49 -44.34 -17.99
C PHE D 274 11.49 -45.46 -18.25
N GLU D 275 11.69 -46.34 -17.26
CA GLU D 275 12.59 -47.47 -17.45
C GLU D 275 12.10 -48.39 -18.56
N GLU D 276 10.79 -48.68 -18.58
CA GLU D 276 10.25 -49.54 -19.63
C GLU D 276 10.39 -48.88 -21.00
N LYS D 277 10.10 -47.59 -21.10
CA LYS D 277 10.19 -46.91 -22.39
C LYS D 277 11.64 -46.84 -22.88
N ILE D 278 12.59 -46.61 -21.97
CA ILE D 278 13.99 -46.54 -22.38
C ILE D 278 14.53 -47.92 -22.71
N LYS D 279 14.01 -48.98 -22.07
CA LYS D 279 14.43 -50.32 -22.44
C LYS D 279 13.77 -50.81 -23.72
N LYS D 280 12.66 -50.19 -24.13
CA LYS D 280 12.01 -50.53 -25.39
C LYS D 280 12.49 -49.67 -26.54
N SER D 281 12.92 -48.43 -26.28
CA SER D 281 13.39 -47.53 -27.31
C SER D 281 14.55 -46.70 -26.75
N PRO D 282 15.58 -46.46 -27.54
CA PRO D 282 16.76 -45.73 -27.05
C PRO D 282 16.51 -44.24 -26.98
N LEU D 283 17.50 -43.51 -26.47
CA LEU D 283 17.42 -42.07 -26.26
C LEU D 283 17.73 -41.27 -27.51
N THR D 284 18.02 -41.93 -28.63
CA THR D 284 18.36 -41.22 -29.86
C THR D 284 17.20 -40.42 -30.44
N ILE D 285 15.98 -40.62 -29.94
CA ILE D 285 14.83 -39.88 -30.45
C ILE D 285 14.97 -38.40 -30.13
N CYS D 286 15.36 -38.08 -28.90
CA CYS D 286 15.45 -36.69 -28.46
C CYS D 286 16.87 -36.14 -28.44
N TYR D 287 17.87 -36.98 -28.17
CA TYR D 287 19.26 -36.54 -28.08
C TYR D 287 20.11 -37.40 -29.01
N PRO D 288 20.25 -37.01 -30.28
CA PRO D 288 21.10 -37.78 -31.20
C PRO D 288 22.56 -37.80 -30.82
N GLU D 289 23.02 -36.87 -29.98
CA GLU D 289 24.42 -36.79 -29.57
C GLU D 289 24.71 -37.62 -28.33
N TYR D 290 23.72 -38.35 -27.81
CA TYR D 290 23.90 -39.15 -26.60
C TYR D 290 24.62 -40.45 -26.96
N ALA D 291 25.94 -40.46 -26.75
CA ALA D 291 26.74 -41.67 -26.97
C ALA D 291 26.96 -42.38 -25.64
N GLY D 292 25.86 -42.97 -25.14
CA GLY D 292 25.89 -43.65 -23.86
C GLY D 292 25.02 -44.90 -23.88
N SER D 293 25.08 -45.63 -22.77
CA SER D 293 24.31 -46.87 -22.63
C SER D 293 22.82 -46.56 -22.45
N ASN D 294 22.00 -47.57 -22.73
CA ASN D 294 20.56 -47.44 -22.61
C ASN D 294 20.10 -47.98 -21.25
N THR D 295 20.52 -47.27 -20.20
CA THR D 295 20.15 -47.60 -18.84
C THR D 295 19.58 -46.37 -18.16
N TYR D 296 18.72 -46.61 -17.16
CA TYR D 296 18.07 -45.50 -16.47
C TYR D 296 19.07 -44.63 -15.73
N GLU D 297 20.07 -45.25 -15.08
CA GLU D 297 21.00 -44.50 -14.25
C GLU D 297 21.77 -43.46 -15.05
N GLU D 298 22.22 -43.81 -16.26
CA GLU D 298 22.96 -42.87 -17.08
C GLU D 298 22.04 -41.92 -17.84
N ALA D 299 20.91 -42.42 -18.34
CA ALA D 299 20.00 -41.58 -19.12
C ALA D 299 19.40 -40.47 -18.27
N ALA D 300 18.99 -40.79 -17.03
CA ALA D 300 18.42 -39.76 -16.16
C ALA D 300 19.44 -38.67 -15.86
N ALA D 301 20.68 -39.05 -15.56
CA ALA D 301 21.72 -38.07 -15.31
C ALA D 301 21.99 -37.22 -16.55
N TYR D 302 22.03 -37.86 -17.73
CA TYR D 302 22.27 -37.13 -18.96
C TYR D 302 21.17 -36.11 -19.22
N ILE D 303 19.92 -36.49 -18.97
CA ILE D 303 18.82 -35.54 -19.09
C ILE D 303 18.98 -34.42 -18.08
N GLN D 304 19.45 -34.75 -16.87
CA GLN D 304 19.57 -33.76 -15.81
C GLN D 304 20.61 -32.69 -16.15
N CYS D 305 21.75 -33.09 -16.74
CA CYS D 305 22.79 -32.10 -17.03
C CYS D 305 22.31 -31.05 -18.01
N GLN D 306 21.49 -31.43 -18.99
CA GLN D 306 20.98 -30.46 -19.94
C GLN D 306 20.15 -29.39 -19.25
N PHE D 307 19.32 -29.79 -18.28
CA PHE D 307 18.54 -28.80 -17.54
C PHE D 307 19.42 -27.93 -16.65
N GLU D 308 20.39 -28.54 -15.96
CA GLU D 308 21.25 -27.73 -15.09
C GLU D 308 22.28 -26.89 -15.85
N ASP D 309 22.32 -27.04 -17.17
CA ASP D 309 23.23 -26.24 -17.98
C ASP D 309 22.51 -25.28 -18.91
N LEU D 310 21.58 -24.50 -18.38
CA LEU D 310 20.80 -23.58 -19.18
C LEU D 310 20.72 -22.35 -18.37
N ASN D 311 21.36 -22.36 -17.22
CA ASN D 311 21.37 -21.12 -16.45
C ASN D 311 22.69 -20.39 -16.65
N LYS D 312 22.60 -19.08 -16.88
CA LYS D 312 23.77 -18.23 -17.07
C LYS D 312 24.18 -17.51 -15.80
N ARG D 313 23.54 -17.82 -14.67
CA ARG D 313 23.88 -17.24 -13.37
C ARG D 313 24.30 -18.40 -12.47
N LYS D 314 25.58 -18.72 -12.49
CA LYS D 314 26.15 -19.78 -11.68
C LYS D 314 26.67 -19.29 -10.34
N ASP D 315 26.43 -18.02 -10.01
CA ASP D 315 26.92 -17.44 -8.76
C ASP D 315 25.84 -16.78 -7.92
N THR D 316 24.59 -16.73 -8.38
CA THR D 316 23.52 -16.09 -7.64
C THR D 316 22.36 -17.01 -7.31
N LYS D 317 22.07 -18.01 -8.14
CA LYS D 317 20.94 -18.90 -7.92
C LYS D 317 21.39 -20.35 -8.05
N GLU D 318 20.69 -21.23 -7.34
CA GLU D 318 20.95 -22.66 -7.36
C GLU D 318 19.77 -23.41 -7.97
N ILE D 319 20.02 -24.63 -8.40
CA ILE D 319 19.00 -25.49 -9.03
C ILE D 319 19.04 -26.82 -8.30
N TYR D 320 18.13 -27.02 -7.36
CA TYR D 320 18.01 -28.29 -6.66
C TYR D 320 17.18 -29.26 -7.49
N THR D 321 17.62 -30.52 -7.52
CA THR D 321 17.00 -31.53 -8.36
C THR D 321 16.59 -32.73 -7.53
N HIS D 322 15.49 -33.36 -7.93
CA HIS D 322 14.98 -34.56 -7.27
C HIS D 322 14.30 -35.44 -8.31
N PHE D 323 14.27 -36.73 -8.03
CA PHE D 323 13.66 -37.72 -8.93
C PHE D 323 12.44 -38.30 -8.21
N THR D 324 11.30 -37.63 -8.39
CA THR D 324 10.06 -38.05 -7.75
C THR D 324 9.44 -39.23 -8.48
N CYS D 325 8.85 -40.13 -7.70
CA CYS D 325 8.12 -41.25 -8.28
C CYS D 325 6.70 -41.12 -7.77
N ALA D 326 5.77 -41.92 -8.31
CA ALA D 326 4.37 -41.82 -7.93
C ALA D 326 4.16 -42.18 -6.47
N THR D 327 4.86 -43.20 -5.97
CA THR D 327 4.68 -43.67 -4.61
C THR D 327 5.59 -42.96 -3.60
N ASP D 328 6.49 -42.10 -4.05
CA ASP D 328 7.40 -41.42 -3.14
C ASP D 328 6.66 -40.33 -2.36
N THR D 329 6.84 -40.33 -1.04
CA THR D 329 6.24 -39.33 -0.17
C THR D 329 7.27 -38.37 0.43
N LYS D 330 8.49 -38.37 -0.10
CA LYS D 330 9.57 -37.52 0.41
C LYS D 330 9.66 -36.19 -0.31
N ASN D 331 8.73 -35.89 -1.22
CA ASN D 331 8.76 -34.62 -1.95
C ASN D 331 8.58 -33.44 -1.01
N VAL D 332 7.71 -33.59 0.00
CA VAL D 332 7.53 -32.53 0.98
C VAL D 332 8.82 -32.30 1.75
N GLN D 333 9.51 -33.36 2.12
CA GLN D 333 10.79 -33.23 2.82
C GLN D 333 11.84 -32.54 1.95
N PHE D 334 11.89 -32.91 0.66
CA PHE D 334 12.85 -32.28 -0.25
C PHE D 334 12.56 -30.78 -0.39
N VAL D 335 11.28 -30.43 -0.55
CA VAL D 335 10.90 -29.03 -0.65
C VAL D 335 11.26 -28.29 0.63
N PHE D 336 11.01 -28.91 1.78
CA PHE D 336 11.32 -28.28 3.05
C PHE D 336 12.81 -28.03 3.20
N ASP D 337 13.65 -29.01 2.83
CA ASP D 337 15.08 -28.81 2.93
C ASP D 337 15.57 -27.72 1.98
N ALA D 338 15.09 -27.73 0.74
CA ALA D 338 15.51 -26.72 -0.22
C ALA D 338 15.10 -25.32 0.24
N VAL D 339 13.87 -25.17 0.72
CA VAL D 339 13.41 -23.86 1.16
C VAL D 339 14.08 -23.47 2.46
N THR D 340 14.49 -24.43 3.28
CA THR D 340 15.27 -24.10 4.47
C THR D 340 16.61 -23.51 4.10
N ASP D 341 17.29 -24.11 3.11
CA ASP D 341 18.55 -23.54 2.64
C ASP D 341 18.32 -22.16 2.03
N VAL D 342 17.22 -21.99 1.28
CA VAL D 342 16.90 -20.69 0.69
C VAL D 342 16.66 -19.64 1.79
N ILE D 343 15.96 -20.04 2.85
CA ILE D 343 15.70 -19.12 3.96
C ILE D 343 17.00 -18.75 4.66
N ILE D 344 17.91 -19.72 4.82
CA ILE D 344 19.21 -19.42 5.42
C ILE D 344 19.96 -18.41 4.56
N LYS D 345 19.96 -18.59 3.24
CA LYS D 345 20.66 -17.66 2.36
C LYS D 345 20.01 -16.28 2.40
N ASN D 346 18.68 -16.22 2.45
CA ASN D 346 17.98 -14.94 2.53
C ASN D 346 18.28 -14.23 3.84
N ASN D 347 18.27 -14.94 4.97
CA ASN D 347 18.59 -14.34 6.27
C ASN D 347 19.98 -13.78 6.19
N LEU D 348 20.86 -14.45 5.50
CA LEU D 348 22.21 -13.98 5.35
C LEU D 348 22.37 -12.69 4.58
N LYS D 349 21.63 -12.43 3.51
CA LYS D 349 21.70 -11.13 2.81
C LYS D 349 21.11 -10.01 3.64
N ASP D 350 19.94 -10.30 4.22
CA ASP D 350 19.25 -9.30 5.00
C ASP D 350 19.95 -8.97 6.32
N CYS D 351 20.52 -9.97 6.96
CA CYS D 351 21.29 -9.69 8.20
C CYS D 351 22.35 -8.69 7.84
N GLY D 352 22.58 -8.55 6.55
CA GLY D 352 23.56 -7.59 6.08
C GLY D 352 24.94 -8.10 5.76
N LEU D 353 25.15 -9.39 5.99
CA LEU D 353 26.42 -10.08 5.76
C LEU D 353 26.54 -10.56 4.34
N PHE D 354 27.56 -11.34 4.04
CA PHE D 354 27.71 -11.88 2.71
C PHE D 354 26.47 -12.71 2.34
N ASP E 17 -7.23 -18.70 -51.93
CA ASP E 17 -7.58 -17.34 -51.53
C ASP E 17 -8.66 -16.78 -52.45
N GLN E 18 -9.90 -17.24 -52.26
CA GLN E 18 -11.01 -16.77 -53.08
C GLN E 18 -11.30 -15.30 -52.84
N LEU E 19 -11.25 -14.86 -51.58
CA LEU E 19 -11.55 -13.48 -51.22
C LEU E 19 -10.55 -12.91 -50.23
N ARG E 20 -9.33 -13.46 -50.19
CA ARG E 20 -8.27 -12.96 -49.31
C ARG E 20 -7.37 -11.95 -49.99
N GLN E 21 -7.86 -11.25 -51.01
CA GLN E 21 -7.05 -10.29 -51.76
C GLN E 21 -7.60 -8.87 -51.71
N GLU E 22 -8.92 -8.69 -51.79
CA GLU E 22 -9.49 -7.35 -51.80
C GLU E 22 -9.31 -6.63 -50.46
N ALA E 23 -8.99 -7.37 -49.39
CA ALA E 23 -8.71 -6.72 -48.12
C ALA E 23 -7.47 -5.83 -48.23
N GLU E 24 -6.43 -6.31 -48.93
CA GLU E 24 -5.22 -5.52 -49.08
C GLU E 24 -5.46 -4.25 -49.88
N GLN E 25 -6.23 -4.35 -50.98
CA GLN E 25 -6.51 -3.16 -51.78
C GLN E 25 -7.42 -2.19 -51.04
N LEU E 26 -8.37 -2.72 -50.24
CA LEU E 26 -9.20 -1.84 -49.42
C LEU E 26 -8.37 -1.11 -48.36
N LYS E 27 -7.41 -1.82 -47.76
CA LYS E 27 -6.50 -1.18 -46.81
C LYS E 27 -5.67 -0.09 -47.50
N ASN E 28 -5.20 -0.38 -48.72
CA ASN E 28 -4.45 0.63 -49.48
C ASN E 28 -5.32 1.83 -49.79
N GLN E 29 -6.59 1.60 -50.12
CA GLN E 29 -7.50 2.71 -50.43
C GLN E 29 -7.75 3.57 -49.20
N ILE E 30 -7.97 2.95 -48.03
CA ILE E 30 -8.16 3.77 -46.84
C ILE E 30 -6.86 4.49 -46.48
N ARG E 31 -5.71 3.86 -46.73
CA ARG E 31 -4.43 4.48 -46.43
C ARG E 31 -4.22 5.74 -47.27
N ASP E 32 -4.37 5.64 -48.59
CA ASP E 32 -4.17 6.84 -49.39
C ASP E 32 -5.35 7.81 -49.32
N ALA E 33 -6.51 7.37 -48.84
CA ALA E 33 -7.61 8.29 -48.57
C ALA E 33 -7.28 9.17 -47.36
N ARG E 34 -6.81 8.57 -46.27
CA ARG E 34 -6.38 9.37 -45.13
C ARG E 34 -5.10 10.13 -45.43
N LYS E 35 -4.31 9.67 -46.40
CA LYS E 35 -3.15 10.46 -46.84
C LYS E 35 -3.57 11.64 -47.70
N ALA E 36 -4.74 11.55 -48.36
CA ALA E 36 -5.23 12.66 -49.16
C ALA E 36 -5.51 13.89 -48.30
N CYS E 37 -6.10 13.68 -47.13
CA CYS E 37 -6.42 14.78 -46.21
C CYS E 37 -5.20 15.13 -45.34
N ALA E 38 -4.12 15.50 -46.03
CA ALA E 38 -2.85 15.85 -45.41
C ALA E 38 -2.32 17.17 -45.97
N ASP E 39 -3.20 18.18 -46.01
CA ASP E 39 -2.80 19.47 -46.57
C ASP E 39 -1.63 20.08 -45.81
N ALA E 40 -1.66 20.00 -44.49
CA ALA E 40 -0.57 20.51 -43.66
C ALA E 40 -0.37 19.56 -42.49
N THR E 41 0.51 19.95 -41.57
CA THR E 41 0.80 19.20 -40.37
C THR E 41 0.57 20.08 -39.15
N LEU E 42 0.27 19.44 -38.02
CA LEU E 42 0.06 20.18 -36.78
C LEU E 42 1.31 20.95 -36.37
N SER E 43 2.50 20.46 -36.73
CA SER E 43 3.73 21.16 -36.40
C SER E 43 3.79 22.52 -37.09
N GLN E 44 3.43 22.57 -38.38
CA GLN E 44 3.48 23.83 -39.12
C GLN E 44 2.53 24.86 -38.53
N ILE E 45 1.31 24.43 -38.17
CA ILE E 45 0.34 25.36 -37.58
C ILE E 45 0.80 25.81 -36.19
N THR E 46 1.33 24.87 -35.39
CA THR E 46 1.74 25.17 -34.03
C THR E 46 3.06 25.93 -33.95
N ASN E 47 3.79 26.04 -35.07
CA ASN E 47 5.07 26.77 -35.05
C ASN E 47 4.89 28.23 -34.63
N ASN E 48 3.69 28.78 -34.82
CA ASN E 48 3.45 30.20 -34.54
C ASN E 48 3.05 30.47 -33.09
N ILE E 49 2.77 29.44 -32.29
CA ILE E 49 2.32 29.66 -30.93
C ILE E 49 3.53 29.73 -30.00
N ASP E 50 3.40 30.51 -28.92
CA ASP E 50 4.46 30.65 -27.94
C ASP E 50 4.55 29.40 -27.07
N PRO E 51 5.75 29.03 -26.64
CA PRO E 51 5.90 27.86 -25.76
C PRO E 51 5.41 28.16 -24.35
N VAL E 52 5.23 27.07 -23.58
CA VAL E 52 4.78 27.20 -22.20
C VAL E 52 5.92 27.51 -21.23
N GLY E 53 7.15 27.61 -21.72
CA GLY E 53 8.25 27.92 -20.84
C GLY E 53 8.75 26.67 -20.13
N ARG E 54 8.94 26.78 -18.82
CA ARG E 54 9.41 25.69 -18.00
C ARG E 54 8.35 25.35 -16.96
N ILE E 55 8.03 24.07 -16.84
CA ILE E 55 7.04 23.58 -15.88
C ILE E 55 7.78 23.06 -14.65
N GLN E 56 7.38 23.54 -13.48
CA GLN E 56 8.00 23.14 -12.21
C GLN E 56 6.87 22.76 -11.24
N MET E 57 6.82 21.47 -10.89
CA MET E 57 5.86 20.97 -9.93
C MET E 57 6.59 20.16 -8.87
N ARG E 58 6.05 20.19 -7.65
CA ARG E 58 6.70 19.56 -6.51
C ARG E 58 5.69 18.74 -5.73
N THR E 59 6.21 17.74 -5.02
CA THR E 59 5.36 16.86 -4.22
C THR E 59 4.75 17.64 -3.05
N ARG E 60 3.46 17.43 -2.81
CA ARG E 60 2.75 18.04 -1.70
C ARG E 60 2.32 17.03 -0.65
N ARG E 61 1.93 15.82 -1.06
CA ARG E 61 1.49 14.78 -0.16
C ARG E 61 2.20 13.47 -0.50
N THR E 62 2.37 12.63 0.52
CA THR E 62 2.89 11.28 0.35
C THR E 62 2.04 10.34 1.18
N LEU E 63 1.52 9.30 0.55
CA LEU E 63 0.61 8.36 1.19
C LEU E 63 1.33 7.04 1.41
N ARG E 64 1.46 6.64 2.67
CA ARG E 64 2.28 5.49 3.06
C ARG E 64 1.40 4.50 3.82
N GLY E 65 0.76 3.59 3.08
CA GLY E 65 -0.04 2.56 3.72
C GLY E 65 0.05 1.21 3.04
N HIS E 66 0.86 1.11 2.00
CA HIS E 66 0.98 -0.10 1.20
C HIS E 66 2.31 -0.80 1.50
N LEU E 67 2.28 -2.13 1.41
CA LEU E 67 3.46 -2.96 1.68
C LEU E 67 3.90 -3.75 0.46
N ALA E 68 3.44 -3.38 -0.73
CA ALA E 68 3.78 -4.09 -1.96
C ALA E 68 3.68 -3.12 -3.12
N LYS E 69 3.92 -3.61 -4.33
CA LYS E 69 3.91 -2.76 -5.51
C LYS E 69 2.50 -2.27 -5.80
N ILE E 70 2.38 -1.00 -6.14
CA ILE E 70 1.10 -0.39 -6.48
C ILE E 70 0.85 -0.55 -7.97
N TYR E 71 -0.29 -1.14 -8.32
CA TYR E 71 -0.62 -1.43 -9.72
C TYR E 71 -1.75 -0.58 -10.29
N ALA E 72 -2.57 0.03 -9.44
CA ALA E 72 -3.71 0.80 -9.92
C ALA E 72 -3.96 1.97 -8.99
N MET E 73 -4.63 3.01 -9.46
CA MET E 73 -5.04 4.19 -8.66
C MET E 73 -6.10 4.93 -9.46
N HIS E 74 -7.13 5.49 -8.82
CA HIS E 74 -8.15 6.28 -9.49
C HIS E 74 -8.66 7.40 -8.63
N TRP E 75 -9.05 8.49 -9.22
CA TRP E 75 -9.60 9.66 -8.54
C TRP E 75 -11.12 9.57 -8.45
N GLY E 76 -11.70 10.32 -7.54
CA GLY E 76 -13.13 10.36 -7.47
C GLY E 76 -13.53 11.61 -8.17
N THR E 77 -14.80 11.89 -8.31
CA THR E 77 -15.22 13.04 -9.09
C THR E 77 -15.32 14.30 -8.27
N ASP E 78 -14.86 14.29 -7.05
CA ASP E 78 -14.88 15.45 -6.21
C ASP E 78 -13.48 15.86 -6.05
N SER E 79 -12.56 15.12 -6.62
CA SER E 79 -11.17 15.44 -6.55
C SER E 79 -10.63 15.48 -5.17
N ARG E 80 -11.22 14.74 -4.25
CA ARG E 80 -10.63 14.66 -2.91
C ARG E 80 -10.29 13.24 -2.51
N LEU E 81 -11.21 12.30 -2.70
CA LEU E 81 -10.96 10.90 -2.38
C LEU E 81 -10.37 10.18 -3.58
N LEU E 82 -9.46 9.25 -3.31
CA LEU E 82 -8.84 8.45 -4.35
C LEU E 82 -8.66 7.03 -3.86
N VAL E 83 -8.82 6.07 -4.76
CA VAL E 83 -8.75 4.65 -4.44
C VAL E 83 -7.46 4.08 -5.00
N SER E 84 -6.78 3.28 -4.19
CA SER E 84 -5.51 2.67 -4.56
C SER E 84 -5.58 1.16 -4.34
N ALA E 85 -4.96 0.42 -5.26
CA ALA E 85 -4.96 -1.04 -5.24
C ALA E 85 -3.52 -1.52 -5.28
N SER E 86 -3.15 -2.39 -4.34
CA SER E 86 -1.81 -2.93 -4.25
C SER E 86 -1.85 -4.45 -4.41
N GLN E 87 -0.67 -5.05 -4.47
CA GLN E 87 -0.53 -6.49 -4.66
C GLN E 87 -0.55 -7.27 -3.36
N ASP E 88 -0.73 -6.59 -2.22
CA ASP E 88 -0.90 -7.27 -0.94
C ASP E 88 -2.37 -7.49 -0.59
N GLY E 89 -3.25 -7.51 -1.59
CA GLY E 89 -4.66 -7.77 -1.37
C GLY E 89 -5.38 -6.73 -0.55
N LYS E 90 -5.17 -5.45 -0.86
CA LYS E 90 -5.79 -4.37 -0.11
C LYS E 90 -6.23 -3.27 -1.06
N LEU E 91 -7.47 -2.81 -0.89
CA LEU E 91 -7.94 -1.56 -1.49
C LEU E 91 -7.97 -0.50 -0.40
N ILE E 92 -7.42 0.68 -0.70
CA ILE E 92 -7.36 1.75 0.27
C ILE E 92 -8.01 3.00 -0.31
N ILE E 93 -8.94 3.59 0.44
CA ILE E 93 -9.61 4.82 0.03
C ILE E 93 -9.00 5.94 0.85
N TRP E 94 -8.13 6.72 0.22
CA TRP E 94 -7.43 7.79 0.91
C TRP E 94 -8.30 9.04 1.00
N ASP E 95 -7.75 10.09 1.61
CA ASP E 95 -8.35 11.42 1.60
C ASP E 95 -7.19 12.38 1.37
N SER E 96 -7.01 12.80 0.11
CA SER E 96 -5.77 13.44 -0.30
C SER E 96 -5.51 14.75 0.45
N TYR E 97 -6.57 15.44 0.87
CA TYR E 97 -6.37 16.71 1.56
C TYR E 97 -5.68 16.52 2.91
N THR E 98 -6.08 15.49 3.66
CA THR E 98 -5.55 15.25 5.00
C THR E 98 -4.74 13.95 5.09
N THR E 99 -4.58 13.22 3.99
CA THR E 99 -3.85 11.95 3.95
C THR E 99 -4.41 10.91 4.91
N ASN E 100 -5.69 11.04 5.27
CA ASN E 100 -6.34 10.06 6.12
C ASN E 100 -6.78 8.84 5.30
N LYS E 101 -7.14 7.78 6.00
CA LYS E 101 -7.67 6.57 5.38
C LYS E 101 -9.11 6.38 5.81
N VAL E 102 -10.00 6.21 4.83
CA VAL E 102 -11.42 6.07 5.10
C VAL E 102 -11.86 4.61 5.10
N HIS E 103 -11.39 3.82 4.13
CA HIS E 103 -11.75 2.42 4.05
C HIS E 103 -10.55 1.60 3.63
N ALA E 104 -10.40 0.43 4.26
CA ALA E 104 -9.38 -0.55 3.90
C ALA E 104 -10.11 -1.86 3.63
N ILE E 105 -10.31 -2.17 2.36
CA ILE E 105 -11.07 -3.34 1.94
C ILE E 105 -10.09 -4.49 1.70
N PRO E 106 -10.21 -5.61 2.43
CA PRO E 106 -9.40 -6.78 2.12
C PRO E 106 -10.08 -7.66 1.08
N LEU E 107 -9.28 -8.13 0.12
CA LEU E 107 -9.79 -8.89 -1.01
C LEU E 107 -9.52 -10.37 -0.82
N ARG E 108 -10.21 -11.18 -1.61
CA ARG E 108 -10.03 -12.62 -1.60
C ARG E 108 -8.93 -13.10 -2.54
N SER E 109 -8.27 -12.17 -3.22
CA SER E 109 -7.11 -12.49 -4.05
C SER E 109 -6.15 -11.31 -4.02
N SER E 110 -4.86 -11.61 -3.85
CA SER E 110 -3.85 -10.57 -3.75
C SER E 110 -3.26 -10.18 -5.10
N TRP E 111 -3.74 -10.77 -6.19
CA TRP E 111 -3.24 -10.50 -7.53
C TRP E 111 -4.20 -9.54 -8.21
N VAL E 112 -3.90 -8.24 -8.13
CA VAL E 112 -4.78 -7.18 -8.58
C VAL E 112 -4.02 -6.28 -9.54
N MET E 113 -4.62 -5.99 -10.69
CA MET E 113 -3.98 -5.17 -11.71
C MET E 113 -4.79 -3.95 -12.13
N THR E 114 -5.95 -3.71 -11.53
CA THR E 114 -6.76 -2.56 -11.92
C THR E 114 -7.69 -2.18 -10.77
N CYS E 115 -8.16 -0.94 -10.83
CA CYS E 115 -9.14 -0.44 -9.87
C CYS E 115 -9.88 0.73 -10.51
N ALA E 116 -11.01 1.10 -9.96
CA ALA E 116 -11.78 2.22 -10.45
C ALA E 116 -12.82 2.71 -9.46
N TYR E 117 -12.95 4.03 -9.32
CA TYR E 117 -13.95 4.61 -8.44
C TYR E 117 -15.18 5.07 -9.23
N ALA E 118 -16.37 4.66 -8.80
CA ALA E 118 -17.61 5.05 -9.47
C ALA E 118 -17.87 6.55 -9.39
N PRO E 119 -18.42 7.15 -10.47
CA PRO E 119 -18.66 8.60 -10.49
C PRO E 119 -19.57 9.08 -9.37
N SER E 120 -20.58 8.28 -9.02
CA SER E 120 -21.46 8.65 -7.91
C SER E 120 -20.73 8.61 -6.58
N GLY E 121 -19.87 7.61 -6.39
CA GLY E 121 -19.12 7.46 -5.16
C GLY E 121 -19.63 6.40 -4.21
N ASN E 122 -20.63 5.61 -4.62
CA ASN E 122 -21.19 4.57 -3.77
C ASN E 122 -20.63 3.19 -4.07
N TYR E 123 -19.67 3.07 -4.98
CA TYR E 123 -19.12 1.77 -5.34
C TYR E 123 -17.66 1.93 -5.76
N VAL E 124 -16.92 0.82 -5.68
CA VAL E 124 -15.59 0.70 -6.25
C VAL E 124 -15.52 -0.62 -6.99
N ALA E 125 -14.49 -0.75 -7.84
CA ALA E 125 -14.29 -1.96 -8.62
C ALA E 125 -12.83 -2.39 -8.53
N CYS E 126 -12.62 -3.69 -8.71
CA CYS E 126 -11.27 -4.24 -8.61
C CYS E 126 -11.21 -5.52 -9.43
N GLY E 127 -9.99 -5.93 -9.76
CA GLY E 127 -9.79 -7.15 -10.52
C GLY E 127 -8.32 -7.40 -10.76
N GLY E 128 -8.04 -8.58 -11.30
CA GLY E 128 -6.66 -8.96 -11.57
C GLY E 128 -6.53 -10.34 -12.21
N LEU E 129 -5.58 -11.13 -11.72
CA LEU E 129 -5.31 -12.47 -12.25
C LEU E 129 -6.38 -13.49 -11.88
N ASP E 130 -7.45 -13.08 -11.22
CA ASP E 130 -8.52 -14.00 -10.85
C ASP E 130 -9.60 -14.10 -11.91
N ASN E 131 -9.51 -13.32 -12.98
CA ASN E 131 -10.44 -13.31 -14.11
C ASN E 131 -11.85 -12.87 -13.72
N ILE E 132 -12.01 -12.25 -12.55
CA ILE E 132 -13.31 -11.85 -12.05
C ILE E 132 -13.23 -10.40 -11.62
N CYS E 133 -14.28 -9.63 -11.93
CA CYS E 133 -14.38 -8.23 -11.54
C CYS E 133 -15.23 -8.12 -10.28
N SER E 134 -14.62 -7.68 -9.19
CA SER E 134 -15.31 -7.56 -7.91
C SER E 134 -15.74 -6.11 -7.71
N ILE E 135 -17.04 -5.92 -7.51
CA ILE E 135 -17.61 -4.59 -7.28
C ILE E 135 -18.04 -4.52 -5.83
N TYR E 136 -17.51 -3.51 -5.12
CA TYR E 136 -17.68 -3.37 -3.68
C TYR E 136 -18.55 -2.16 -3.39
N ASN E 137 -19.42 -2.29 -2.39
CA ASN E 137 -20.37 -1.27 -2.00
C ASN E 137 -19.87 -0.59 -0.74
N LEU E 138 -19.73 0.74 -0.79
CA LEU E 138 -19.18 1.51 0.31
C LEU E 138 -20.23 2.18 1.18
N LYS E 139 -21.38 2.51 0.62
CA LYS E 139 -22.43 3.24 1.33
C LYS E 139 -23.56 2.26 1.65
N THR E 140 -23.56 1.75 2.89
CA THR E 140 -24.56 0.80 3.32
C THR E 140 -24.69 0.87 4.83
N ARG E 141 -25.77 0.29 5.34
CA ARG E 141 -25.93 0.10 6.77
C ARG E 141 -24.94 -0.95 7.26
N GLU E 142 -24.98 -1.20 8.57
CA GLU E 142 -24.11 -2.15 9.26
C GLU E 142 -22.68 -1.65 9.36
N GLY E 143 -22.38 -0.52 8.71
CA GLY E 143 -21.13 0.18 8.92
C GLY E 143 -19.90 -0.45 8.30
N ASN E 144 -20.06 -1.48 7.47
CA ASN E 144 -18.92 -2.14 6.85
C ASN E 144 -18.95 -1.95 5.34
N VAL E 145 -17.98 -2.56 4.66
CA VAL E 145 -17.88 -2.55 3.21
C VAL E 145 -18.06 -3.98 2.74
N ARG E 146 -19.04 -4.20 1.88
CA ARG E 146 -19.43 -5.53 1.44
C ARG E 146 -19.19 -5.68 -0.05
N VAL E 147 -18.83 -6.89 -0.46
CA VAL E 147 -18.67 -7.20 -1.89
C VAL E 147 -20.07 -7.18 -2.51
N SER E 148 -20.37 -6.13 -3.27
CA SER E 148 -21.70 -6.01 -3.85
C SER E 148 -21.94 -7.09 -4.91
N ARG E 149 -21.02 -7.23 -5.85
CA ARG E 149 -21.19 -8.19 -6.94
C ARG E 149 -19.85 -8.77 -7.35
N GLU E 150 -19.91 -9.94 -7.98
CA GLU E 150 -18.76 -10.56 -8.62
C GLU E 150 -19.15 -10.90 -10.06
N LEU E 151 -18.40 -10.37 -11.02
CA LEU E 151 -18.68 -10.53 -12.43
C LEU E 151 -17.67 -11.52 -13.02
N ALA E 152 -18.15 -12.67 -13.45
CA ALA E 152 -17.34 -13.70 -14.08
C ALA E 152 -17.87 -13.98 -15.48
N GLY E 153 -16.99 -14.47 -16.35
CA GLY E 153 -17.35 -14.70 -17.73
C GLY E 153 -16.20 -14.43 -18.67
N HIS E 154 -15.11 -13.91 -18.16
CA HIS E 154 -13.96 -13.59 -18.97
C HIS E 154 -13.01 -14.77 -18.94
N THR E 155 -12.08 -14.80 -19.88
CA THR E 155 -11.15 -15.93 -19.94
C THR E 155 -9.69 -15.51 -19.73
N GLY E 156 -9.47 -14.32 -19.20
CA GLY E 156 -8.11 -13.85 -18.98
C GLY E 156 -8.02 -12.79 -17.91
N TYR E 157 -6.79 -12.46 -17.50
CA TYR E 157 -6.59 -11.42 -16.50
C TYR E 157 -7.29 -10.13 -16.92
N LEU E 158 -7.78 -9.39 -15.93
CA LEU E 158 -8.46 -8.13 -16.17
C LEU E 158 -7.44 -6.99 -16.18
N SER E 159 -7.46 -6.20 -17.25
CA SER E 159 -6.51 -5.10 -17.36
C SER E 159 -7.12 -3.77 -16.96
N CYS E 160 -8.35 -3.51 -17.39
CA CYS E 160 -8.97 -2.21 -17.09
C CYS E 160 -10.48 -2.28 -16.90
N CYS E 161 -11.00 -1.43 -16.02
CA CYS E 161 -12.43 -1.37 -15.80
C CYS E 161 -12.84 0.06 -15.56
N ARG E 162 -13.90 0.52 -16.19
CA ARG E 162 -14.40 1.88 -16.01
C ARG E 162 -15.92 1.84 -15.82
N PHE E 163 -16.40 2.67 -14.91
CA PHE E 163 -17.83 2.81 -14.68
C PHE E 163 -18.43 3.82 -15.64
N LEU E 164 -19.57 3.45 -16.23
CA LEU E 164 -20.41 4.39 -16.97
C LEU E 164 -21.44 5.06 -16.08
N ASP E 165 -22.17 4.26 -15.30
CA ASP E 165 -23.01 4.73 -14.22
C ASP E 165 -22.96 3.69 -13.11
N ASP E 166 -23.88 3.79 -12.15
CA ASP E 166 -23.89 2.88 -11.01
C ASP E 166 -24.42 1.50 -11.35
N ASN E 167 -24.85 1.27 -12.60
CA ASN E 167 -25.38 -0.03 -13.00
C ASN E 167 -24.70 -0.62 -14.23
N GLN E 168 -23.75 0.09 -14.84
CA GLN E 168 -23.06 -0.38 -16.04
C GLN E 168 -21.56 -0.25 -15.85
N ILE E 169 -20.82 -1.13 -16.53
CA ILE E 169 -19.37 -1.15 -16.44
C ILE E 169 -18.81 -1.75 -17.71
N VAL E 170 -17.60 -1.33 -18.08
CA VAL E 170 -16.88 -1.85 -19.23
C VAL E 170 -15.60 -2.49 -18.74
N THR E 171 -15.28 -3.66 -19.29
CA THR E 171 -14.14 -4.46 -18.87
C THR E 171 -13.29 -4.81 -20.08
N SER E 172 -11.97 -4.82 -19.88
CA SER E 172 -11.03 -5.27 -20.90
C SER E 172 -10.15 -6.35 -20.29
N SER E 173 -9.96 -7.45 -21.01
CA SER E 173 -9.22 -8.57 -20.46
C SER E 173 -8.14 -9.02 -21.43
N GLY E 174 -7.28 -9.91 -20.95
CA GLY E 174 -6.22 -10.47 -21.76
C GLY E 174 -6.68 -11.51 -22.76
N ASP E 175 -7.96 -11.86 -22.74
CA ASP E 175 -8.50 -12.80 -23.71
C ASP E 175 -9.02 -12.07 -24.94
N THR E 176 -8.31 -11.04 -25.38
CA THR E 176 -8.72 -10.29 -26.57
C THR E 176 -10.20 -9.97 -26.56
N THR E 177 -10.72 -9.52 -25.42
CA THR E 177 -12.14 -9.19 -25.30
C THR E 177 -12.35 -7.97 -24.43
N CYS E 178 -13.21 -7.07 -24.91
CA CYS E 178 -13.83 -6.04 -24.10
C CYS E 178 -15.33 -6.33 -24.01
N ALA E 179 -15.90 -6.12 -22.82
CA ALA E 179 -17.28 -6.46 -22.56
C ALA E 179 -17.99 -5.32 -21.83
N LEU E 180 -19.30 -5.26 -22.00
CA LEU E 180 -20.15 -4.28 -21.33
C LEU E 180 -21.14 -5.04 -20.45
N TRP E 181 -20.96 -4.96 -19.14
CA TRP E 181 -21.76 -5.70 -18.19
C TRP E 181 -22.92 -4.85 -17.67
N ASP E 182 -23.79 -5.50 -16.88
CA ASP E 182 -24.71 -4.81 -15.99
C ASP E 182 -24.59 -5.44 -14.62
N ILE E 183 -24.80 -4.63 -13.58
CA ILE E 183 -24.44 -5.03 -12.23
C ILE E 183 -25.55 -5.79 -11.54
N GLU E 184 -26.79 -5.34 -11.70
CA GLU E 184 -27.91 -6.00 -11.05
C GLU E 184 -27.96 -7.47 -11.44
N THR E 185 -28.00 -7.75 -12.72
CA THR E 185 -28.07 -9.13 -13.18
C THR E 185 -26.76 -9.86 -12.99
N GLY E 186 -25.76 -9.52 -13.79
CA GLY E 186 -24.48 -10.21 -13.72
C GLY E 186 -24.11 -10.61 -15.11
N GLN E 187 -24.92 -10.26 -16.07
CA GLN E 187 -24.69 -10.73 -17.40
C GLN E 187 -23.96 -9.74 -18.20
N GLN E 188 -23.41 -10.14 -19.33
CA GLN E 188 -22.82 -9.15 -20.18
C GLN E 188 -23.99 -8.67 -21.01
N THR E 189 -23.79 -7.70 -21.87
CA THR E 189 -24.86 -7.20 -22.71
C THR E 189 -24.28 -6.88 -24.06
N THR E 190 -22.98 -6.80 -24.19
CA THR E 190 -22.29 -6.62 -25.46
C THR E 190 -20.85 -7.04 -25.32
N THR E 191 -20.31 -7.65 -26.37
CA THR E 191 -18.92 -8.10 -26.42
C THR E 191 -18.25 -7.47 -27.62
N PHE E 192 -17.04 -6.93 -27.41
CA PHE E 192 -16.28 -6.25 -28.45
C PHE E 192 -15.13 -7.15 -28.89
N THR E 193 -15.18 -7.62 -30.13
CA THR E 193 -14.20 -8.53 -30.68
C THR E 193 -13.50 -7.89 -31.86
N GLY E 194 -12.24 -8.27 -32.08
CA GLY E 194 -11.47 -7.74 -33.18
C GLY E 194 -9.99 -7.57 -32.86
N HIS E 195 -9.62 -7.48 -31.59
CA HIS E 195 -8.23 -7.24 -31.27
C HIS E 195 -7.53 -8.58 -31.37
N THR E 196 -6.34 -8.59 -31.98
CA THR E 196 -5.63 -9.85 -32.16
C THR E 196 -4.66 -10.06 -31.02
N GLY E 197 -4.45 -9.01 -30.23
CA GLY E 197 -3.53 -9.11 -29.10
C GLY E 197 -4.37 -8.98 -27.85
N ASP E 198 -3.76 -8.55 -26.76
CA ASP E 198 -4.53 -8.53 -25.52
C ASP E 198 -4.66 -7.11 -25.01
N VAL E 199 -5.84 -6.69 -24.53
CA VAL E 199 -6.06 -5.30 -24.18
C VAL E 199 -5.40 -5.01 -22.84
N MET E 200 -4.64 -3.92 -22.77
CA MET E 200 -3.99 -3.49 -21.55
C MET E 200 -4.43 -2.13 -21.05
N SER E 201 -5.32 -1.48 -21.80
CA SER E 201 -5.78 -0.15 -21.43
C SER E 201 -7.18 0.11 -21.98
N LEU E 202 -7.84 1.16 -21.47
CA LEU E 202 -9.18 1.48 -21.90
C LEU E 202 -9.53 2.87 -21.38
N SER E 203 -10.24 3.66 -22.18
CA SER E 203 -10.59 5.01 -21.79
C SER E 203 -11.91 5.41 -22.44
N LEU E 204 -12.84 5.89 -21.61
CA LEU E 204 -14.15 6.31 -22.08
C LEU E 204 -14.13 7.77 -22.52
N ALA E 205 -15.05 8.10 -23.42
CA ALA E 205 -15.19 9.48 -23.87
C ALA E 205 -15.76 10.34 -22.74
N PRO E 206 -15.49 11.65 -22.75
CA PRO E 206 -16.08 12.52 -21.72
C PRO E 206 -17.60 12.50 -21.71
N ASP E 207 -18.23 12.39 -22.88
CA ASP E 207 -19.68 12.27 -22.95
C ASP E 207 -20.16 10.85 -22.69
N THR E 208 -19.25 9.88 -22.62
CA THR E 208 -19.55 8.48 -22.29
C THR E 208 -20.57 7.93 -23.29
N ARG E 209 -20.09 7.82 -24.54
CA ARG E 209 -20.82 7.17 -25.60
C ARG E 209 -19.97 6.26 -26.47
N LEU E 210 -18.64 6.35 -26.38
CA LEU E 210 -17.75 5.55 -27.22
C LEU E 210 -16.35 5.60 -26.60
N PHE E 211 -15.72 4.44 -26.45
CA PHE E 211 -14.46 4.34 -25.72
C PHE E 211 -13.38 3.74 -26.61
N VAL E 212 -12.13 4.04 -26.26
CA VAL E 212 -10.96 3.61 -27.00
C VAL E 212 -10.20 2.58 -26.16
N SER E 213 -9.83 1.47 -26.80
CA SER E 213 -9.02 0.43 -26.17
C SER E 213 -7.82 0.13 -27.05
N GLY E 214 -6.65 -0.01 -26.42
CA GLY E 214 -5.43 -0.33 -27.14
C GLY E 214 -4.78 -1.60 -26.66
N ALA E 215 -4.73 -2.62 -27.51
CA ALA E 215 -4.19 -3.92 -27.17
C ALA E 215 -2.73 -4.03 -27.57
N CYS E 216 -2.19 -5.25 -27.51
CA CYS E 216 -0.80 -5.52 -27.84
C CYS E 216 -0.56 -5.71 -29.33
N ASP E 217 -1.49 -5.26 -30.17
CA ASP E 217 -1.35 -5.31 -31.61
C ASP E 217 -0.60 -4.11 -32.19
N ALA E 218 -0.05 -3.25 -31.33
CA ALA E 218 0.48 -1.95 -31.73
C ALA E 218 -0.61 -1.16 -32.45
N SER E 219 -1.81 -1.17 -31.87
CA SER E 219 -2.97 -0.56 -32.49
C SER E 219 -3.99 -0.22 -31.42
N ALA E 220 -4.94 0.63 -31.78
CA ALA E 220 -6.03 1.03 -30.91
C ALA E 220 -7.33 0.96 -31.71
N LYS E 221 -8.46 0.88 -31.00
CA LYS E 221 -9.75 0.78 -31.66
C LYS E 221 -10.69 1.86 -31.13
N LEU E 222 -11.80 2.04 -31.84
CA LEU E 222 -12.89 2.89 -31.41
C LEU E 222 -14.17 2.06 -31.45
N TRP E 223 -14.85 1.97 -30.32
CA TRP E 223 -16.04 1.14 -30.19
C TRP E 223 -17.26 2.03 -30.00
N ASP E 224 -18.44 1.46 -30.26
CA ASP E 224 -19.71 2.14 -30.06
C ASP E 224 -20.47 1.40 -28.96
N VAL E 225 -20.68 2.08 -27.83
CA VAL E 225 -21.35 1.45 -26.69
C VAL E 225 -22.79 1.11 -27.06
N ARG E 226 -23.47 2.02 -27.76
CA ARG E 226 -24.88 1.79 -28.11
C ARG E 226 -25.04 0.61 -29.05
N GLU E 227 -24.15 0.49 -30.04
CA GLU E 227 -24.27 -0.56 -31.05
C GLU E 227 -23.41 -1.77 -30.73
N GLY E 228 -22.11 -1.58 -30.57
CA GLY E 228 -21.20 -2.67 -30.30
C GLY E 228 -20.30 -3.07 -31.44
N MET E 229 -19.96 -2.16 -32.35
CA MET E 229 -19.14 -2.46 -33.50
C MET E 229 -17.97 -1.50 -33.56
N CYS E 230 -16.80 -1.99 -33.96
CA CYS E 230 -15.60 -1.17 -34.06
C CYS E 230 -15.73 -0.18 -35.22
N ARG E 231 -15.93 1.10 -34.89
CA ARG E 231 -16.13 2.11 -35.93
C ARG E 231 -14.83 2.40 -36.67
N GLN E 232 -13.73 2.57 -35.94
CA GLN E 232 -12.45 2.92 -36.55
C GLN E 232 -11.32 2.16 -35.87
N THR E 233 -10.23 1.97 -36.61
CA THR E 233 -9.04 1.30 -36.11
C THR E 233 -7.84 2.17 -36.43
N PHE E 234 -7.00 2.42 -35.42
CA PHE E 234 -5.84 3.29 -35.54
C PHE E 234 -4.57 2.47 -35.36
N THR E 235 -3.58 2.72 -36.21
CA THR E 235 -2.30 2.03 -36.17
C THR E 235 -1.17 3.05 -36.27
N GLY E 236 0.05 2.56 -36.09
CA GLY E 236 1.22 3.42 -36.20
C GLY E 236 2.31 3.09 -35.21
N HIS E 237 1.97 2.42 -34.12
CA HIS E 237 2.97 2.02 -33.16
C HIS E 237 3.71 0.77 -33.64
N GLU E 238 4.87 0.52 -33.06
CA GLU E 238 5.70 -0.63 -33.41
C GLU E 238 5.86 -1.62 -32.27
N SER E 239 5.11 -1.46 -31.18
CA SER E 239 5.19 -2.36 -30.04
C SER E 239 3.84 -2.33 -29.33
N ASP E 240 3.70 -3.16 -28.30
CA ASP E 240 2.42 -3.26 -27.60
C ASP E 240 2.07 -1.95 -26.90
N ILE E 241 0.81 -1.56 -26.99
CA ILE E 241 0.32 -0.31 -26.41
C ILE E 241 -0.08 -0.57 -24.97
N ASN E 242 0.54 0.17 -24.04
CA ASN E 242 0.31 -0.03 -22.62
C ASN E 242 -0.70 0.94 -22.02
N ALA E 243 -0.74 2.18 -22.50
CA ALA E 243 -1.62 3.20 -21.92
C ALA E 243 -2.33 3.97 -23.02
N ILE E 244 -3.53 4.44 -22.70
CA ILE E 244 -4.30 5.28 -23.62
C ILE E 244 -5.09 6.28 -22.79
N CYS E 245 -5.39 7.42 -23.38
CA CYS E 245 -6.21 8.47 -22.73
C CYS E 245 -7.04 9.30 -23.73
N PHE E 246 -8.29 9.71 -23.44
CA PHE E 246 -9.08 10.64 -24.31
C PHE E 246 -8.85 12.14 -24.03
N PHE E 247 -8.68 12.96 -25.08
CA PHE E 247 -8.47 14.39 -24.98
C PHE E 247 -9.72 15.03 -24.47
N PRO E 248 -9.62 16.09 -23.68
CA PRO E 248 -10.80 16.70 -23.05
C PRO E 248 -11.89 17.09 -24.02
N ASN E 249 -11.52 17.53 -25.23
CA ASN E 249 -12.53 17.90 -26.22
C ASN E 249 -13.36 16.69 -26.64
N GLY E 250 -12.74 15.53 -26.76
CA GLY E 250 -13.42 14.33 -27.18
C GLY E 250 -13.22 13.93 -28.62
N ASN E 251 -12.35 14.61 -29.36
CA ASN E 251 -12.08 14.29 -30.76
C ASN E 251 -10.63 13.89 -30.99
N ALA E 252 -9.94 13.47 -29.94
CA ALA E 252 -8.54 13.06 -30.05
C ALA E 252 -8.22 12.17 -28.86
N PHE E 253 -7.09 11.46 -28.95
CA PHE E 253 -6.67 10.59 -27.86
C PHE E 253 -5.16 10.36 -27.95
N ALA E 254 -4.52 10.35 -26.78
CA ALA E 254 -3.10 10.06 -26.69
C ALA E 254 -2.88 8.60 -26.29
N THR E 255 -1.64 8.15 -26.42
CA THR E 255 -1.32 6.75 -26.17
C THR E 255 0.16 6.62 -25.84
N GLY E 256 0.52 5.42 -25.39
CA GLY E 256 1.92 5.12 -25.07
C GLY E 256 2.18 3.64 -25.19
N SER E 257 3.42 3.31 -25.53
CA SER E 257 3.80 1.92 -25.79
C SER E 257 5.23 1.70 -25.33
N ASP E 258 5.80 0.56 -25.73
CA ASP E 258 7.12 0.19 -25.23
C ASP E 258 8.25 0.70 -26.12
N ASP E 259 7.92 1.34 -27.24
CA ASP E 259 8.95 1.88 -28.12
C ASP E 259 9.31 3.32 -27.73
N ALA E 260 9.03 3.68 -26.47
CA ALA E 260 9.43 4.97 -25.89
C ALA E 260 8.81 6.16 -26.62
N THR E 261 7.73 5.94 -27.35
CA THR E 261 7.11 6.98 -28.16
C THR E 261 5.64 7.10 -27.81
N CYS E 262 5.16 8.34 -27.69
CA CYS E 262 3.74 8.63 -27.57
C CYS E 262 3.26 9.27 -28.87
N ARG E 263 1.96 9.18 -29.14
CA ARG E 263 1.42 9.82 -30.33
C ARG E 263 -0.03 10.23 -30.11
N LEU E 264 -0.32 11.46 -30.48
CA LEU E 264 -1.66 12.02 -30.42
C LEU E 264 -2.34 11.83 -31.78
N PHE E 265 -3.50 11.18 -31.76
CA PHE E 265 -4.34 10.95 -32.92
C PHE E 265 -5.49 11.94 -32.94
N ASP E 266 -6.45 11.73 -33.84
CA ASP E 266 -7.71 12.47 -33.82
C ASP E 266 -8.78 11.66 -34.52
N LEU E 267 -10.00 11.72 -33.98
CA LEU E 267 -11.10 10.92 -34.52
C LEU E 267 -11.62 11.48 -35.84
N ARG E 268 -11.45 12.78 -36.08
CA ARG E 268 -11.99 13.38 -37.30
C ARG E 268 -11.17 12.99 -38.52
N ALA E 269 -9.87 13.29 -38.51
CA ALA E 269 -9.02 12.96 -39.65
C ALA E 269 -8.69 11.47 -39.71
N ASP E 270 -8.87 10.74 -38.61
CA ASP E 270 -8.65 9.29 -38.56
C ASP E 270 -7.21 8.92 -38.91
N GLN E 271 -6.25 9.67 -38.37
CA GLN E 271 -4.85 9.34 -38.56
C GLN E 271 -4.03 9.99 -37.45
N GLU E 272 -2.81 9.52 -37.28
CA GLU E 272 -1.91 10.07 -36.28
C GLU E 272 -1.64 11.54 -36.57
N LEU E 273 -1.64 12.35 -35.50
CA LEU E 273 -1.40 13.78 -35.66
C LEU E 273 0.04 14.14 -35.28
N MET E 274 0.47 13.73 -34.10
CA MET E 274 1.84 14.09 -33.65
C MET E 274 2.60 12.96 -32.92
N THR E 275 3.91 13.13 -32.76
CA THR E 275 4.70 12.14 -32.05
C THR E 275 5.47 12.84 -30.95
N TYR E 276 5.78 12.11 -29.89
CA TYR E 276 6.49 12.67 -28.79
C TYR E 276 7.52 11.68 -28.40
N SER E 277 8.76 11.95 -28.72
CA SER E 277 9.84 11.02 -28.47
C SER E 277 11.10 11.82 -28.14
N HIS E 278 12.07 11.13 -27.53
CA HIS E 278 13.34 11.75 -27.18
C HIS E 278 14.46 10.75 -27.42
N ASP E 279 15.68 11.23 -27.65
CA ASP E 279 16.78 10.30 -27.97
C ASP E 279 17.59 9.99 -26.74
N ASN E 280 16.93 9.99 -25.57
CA ASN E 280 17.60 9.64 -24.33
C ASN E 280 16.59 8.81 -23.58
N ILE E 281 15.54 8.40 -24.28
CA ILE E 281 14.47 7.64 -23.67
C ILE E 281 14.39 6.30 -24.41
N ILE E 282 14.63 5.18 -23.72
CA ILE E 282 14.63 3.86 -24.34
C ILE E 282 13.69 2.89 -23.64
N CYS E 283 13.05 3.29 -22.55
CA CYS E 283 12.15 2.42 -21.82
C CYS E 283 10.75 2.49 -22.44
N GLY E 284 9.75 1.96 -21.74
CA GLY E 284 8.39 1.97 -22.21
C GLY E 284 7.51 2.93 -21.43
N ILE E 285 6.27 3.07 -21.91
CA ILE E 285 5.25 3.91 -21.28
C ILE E 285 4.35 3.03 -20.43
N THR E 286 4.02 3.52 -19.24
CA THR E 286 3.11 2.81 -18.35
C THR E 286 1.79 3.52 -18.12
N SER E 287 1.73 4.84 -18.29
CA SER E 287 0.51 5.59 -18.07
C SER E 287 0.59 6.90 -18.83
N VAL E 288 -0.56 7.35 -19.32
CA VAL E 288 -0.67 8.58 -20.10
C VAL E 288 -1.92 9.33 -19.66
N SER E 289 -1.79 10.64 -19.48
CA SER E 289 -2.96 11.48 -19.17
C SER E 289 -2.73 12.87 -19.72
N PHE E 290 -3.80 13.67 -19.69
CA PHE E 290 -3.78 15.05 -20.14
C PHE E 290 -3.99 15.99 -18.96
N SER E 291 -4.10 17.27 -19.25
CA SER E 291 -4.49 18.28 -18.28
C SER E 291 -5.92 18.71 -18.57
N LYS E 292 -6.41 19.67 -17.78
CA LYS E 292 -7.79 20.12 -17.94
C LYS E 292 -8.00 20.78 -19.30
N SER E 293 -7.05 21.62 -19.73
CA SER E 293 -7.15 22.33 -20.99
C SER E 293 -6.57 21.55 -22.16
N GLY E 294 -5.97 20.39 -21.91
CA GLY E 294 -5.40 19.60 -22.99
C GLY E 294 -4.12 20.14 -23.57
N ARG E 295 -3.39 20.96 -22.82
CA ARG E 295 -2.14 21.52 -23.31
C ARG E 295 -0.92 20.69 -22.88
N LEU E 296 -0.99 20.05 -21.72
CA LEU E 296 0.10 19.23 -21.21
C LEU E 296 -0.24 17.75 -21.35
N LEU E 297 0.79 16.94 -21.54
CA LEU E 297 0.67 15.50 -21.62
C LEU E 297 1.62 14.88 -20.60
N LEU E 298 1.06 14.17 -19.63
CA LEU E 298 1.84 13.52 -18.58
C LEU E 298 2.01 12.06 -18.94
N ALA E 299 3.27 11.62 -19.05
CA ALA E 299 3.60 10.24 -19.42
C ALA E 299 4.50 9.63 -18.36
N GLY E 300 4.15 8.44 -17.90
CA GLY E 300 4.94 7.71 -16.93
C GLY E 300 5.86 6.73 -17.63
N TYR E 301 7.06 6.56 -17.08
CA TYR E 301 8.10 5.79 -17.71
C TYR E 301 8.63 4.74 -16.74
N ASP E 302 9.51 3.88 -17.25
CA ASP E 302 10.19 2.88 -16.45
C ASP E 302 11.49 3.38 -15.84
N ASP E 303 11.89 4.62 -16.15
CA ASP E 303 13.09 5.24 -15.59
C ASP E 303 12.85 5.86 -14.22
N PHE E 304 11.78 5.43 -13.52
CA PHE E 304 11.45 5.88 -12.18
C PHE E 304 11.07 7.35 -12.15
N ASN E 305 10.55 7.87 -13.26
CA ASN E 305 10.15 9.27 -13.33
C ASN E 305 9.10 9.43 -14.41
N CYS E 306 8.49 10.62 -14.41
CA CYS E 306 7.47 10.93 -15.40
C CYS E 306 7.89 12.16 -16.16
N ASN E 307 7.37 12.33 -17.36
CA ASN E 307 7.69 13.46 -18.21
C ASN E 307 6.43 14.24 -18.56
N VAL E 308 6.60 15.54 -18.76
CA VAL E 308 5.53 16.45 -19.16
C VAL E 308 5.89 17.01 -20.53
N TRP E 309 5.03 16.76 -21.51
CA TRP E 309 5.21 17.24 -22.87
C TRP E 309 4.18 18.32 -23.19
N ASP E 310 4.59 19.26 -24.05
CA ASP E 310 3.64 20.20 -24.61
C ASP E 310 2.85 19.50 -25.71
N ALA E 311 1.53 19.44 -25.56
CA ALA E 311 0.70 18.65 -26.47
C ALA E 311 0.62 19.25 -27.86
N LEU E 312 1.08 20.49 -28.06
CA LEU E 312 1.03 21.13 -29.37
C LEU E 312 2.37 21.26 -30.06
N LYS E 313 3.48 21.32 -29.31
CA LYS E 313 4.80 21.50 -29.89
C LYS E 313 5.70 20.27 -29.74
N ALA E 314 5.30 19.29 -28.93
CA ALA E 314 6.07 18.05 -28.74
C ALA E 314 7.49 18.34 -28.24
N ASP E 315 7.58 19.19 -27.23
CA ASP E 315 8.85 19.49 -26.58
C ASP E 315 8.69 19.31 -25.07
N ARG E 316 9.70 18.71 -24.45
CA ARG E 316 9.65 18.49 -23.01
C ARG E 316 9.79 19.81 -22.26
N ALA E 317 9.07 19.90 -21.14
CA ALA E 317 9.09 21.11 -20.32
C ALA E 317 9.36 20.83 -18.84
N GLY E 318 9.43 19.56 -18.45
CA GLY E 318 9.70 19.23 -17.06
C GLY E 318 9.60 17.74 -16.78
N VAL E 319 10.12 17.31 -15.64
CA VAL E 319 10.09 15.91 -15.24
C VAL E 319 9.57 15.82 -13.81
N LEU E 320 9.10 14.62 -13.45
CA LEU E 320 8.58 14.33 -12.10
C LEU E 320 9.36 13.13 -11.59
N ALA E 321 10.50 13.40 -10.95
CA ALA E 321 11.40 12.36 -10.45
C ALA E 321 11.31 12.34 -8.92
N GLY E 322 10.51 11.43 -8.39
CA GLY E 322 10.40 11.28 -6.95
C GLY E 322 10.21 9.85 -6.49
N HIS E 323 10.32 8.90 -7.40
CA HIS E 323 10.03 7.50 -7.12
C HIS E 323 11.29 6.66 -7.21
N ASP E 324 11.45 5.73 -6.28
CA ASP E 324 12.61 4.84 -6.28
C ASP E 324 12.48 3.75 -7.34
N ASN E 325 11.27 3.31 -7.63
CA ASN E 325 11.01 2.31 -8.66
C ASN E 325 10.09 2.92 -9.73
N ARG E 326 9.82 2.14 -10.77
CA ARG E 326 9.11 2.66 -11.92
C ARG E 326 7.65 2.94 -11.58
N VAL E 327 7.11 4.00 -12.17
CA VAL E 327 5.73 4.39 -11.91
C VAL E 327 4.78 3.52 -12.72
N SER E 328 3.67 3.13 -12.10
CA SER E 328 2.75 2.24 -12.73
C SER E 328 1.45 2.88 -13.06
N CYS E 329 1.07 3.89 -12.28
CA CYS E 329 -0.17 4.62 -12.55
C CYS E 329 0.07 6.12 -12.58
N LEU E 330 -0.92 6.88 -13.01
CA LEU E 330 -0.79 8.32 -13.10
C LEU E 330 -2.15 8.82 -13.42
N GLY E 331 -2.67 9.77 -12.66
CA GLY E 331 -3.99 10.32 -12.85
C GLY E 331 -4.03 11.81 -12.57
N VAL E 332 -5.08 12.45 -13.06
CA VAL E 332 -5.30 13.89 -12.92
C VAL E 332 -6.72 14.11 -12.42
N THR E 333 -6.87 15.06 -11.49
CA THR E 333 -8.18 15.34 -10.91
C THR E 333 -9.13 15.95 -11.94
N ASP E 334 -10.42 15.89 -11.63
CA ASP E 334 -11.43 16.45 -12.52
C ASP E 334 -11.28 17.95 -12.68
N ASP E 335 -11.00 18.65 -11.58
CA ASP E 335 -10.81 20.10 -11.63
C ASP E 335 -9.40 20.49 -12.08
N GLY E 336 -8.51 19.53 -12.26
CA GLY E 336 -7.19 19.82 -12.80
C GLY E 336 -6.22 20.49 -11.85
N MET E 337 -6.50 20.45 -10.54
CA MET E 337 -5.63 21.14 -9.58
C MET E 337 -4.32 20.39 -9.35
N ALA E 338 -4.34 19.06 -9.38
CA ALA E 338 -3.15 18.28 -9.06
C ALA E 338 -3.17 16.96 -9.81
N VAL E 339 -2.00 16.31 -9.79
CA VAL E 339 -1.86 15.02 -10.43
C VAL E 339 -1.29 14.06 -9.41
N ALA E 340 -1.56 12.77 -9.56
CA ALA E 340 -1.11 11.75 -8.63
C ALA E 340 -0.37 10.65 -9.38
N THR E 341 0.71 10.16 -8.79
CA THR E 341 1.56 9.14 -9.38
C THR E 341 1.77 8.02 -8.38
N GLY E 342 1.58 6.79 -8.82
CA GLY E 342 1.82 5.62 -7.99
C GLY E 342 2.81 4.69 -8.65
N SER E 343 3.80 4.24 -7.88
CA SER E 343 4.91 3.47 -8.43
C SER E 343 5.06 2.14 -7.71
N TRP E 344 6.18 1.45 -7.98
CA TRP E 344 6.42 0.11 -7.46
C TRP E 344 7.13 0.11 -6.11
N ASP E 345 7.25 1.27 -5.47
CA ASP E 345 7.82 1.36 -4.13
C ASP E 345 6.76 1.59 -3.06
N SER E 346 5.48 1.39 -3.39
CA SER E 346 4.38 1.46 -2.44
C SER E 346 4.16 2.88 -1.91
N PHE E 347 4.46 3.89 -2.71
CA PHE E 347 4.26 5.28 -2.31
C PHE E 347 3.54 6.03 -3.41
N LEU E 348 2.44 6.70 -3.04
CA LEU E 348 1.73 7.59 -3.94
C LEU E 348 2.16 9.02 -3.67
N LYS E 349 2.37 9.78 -4.74
CA LYS E 349 2.82 11.16 -4.63
C LYS E 349 1.88 12.07 -5.39
N ILE E 350 1.44 13.15 -4.74
CA ILE E 350 0.51 14.11 -5.32
C ILE E 350 1.29 15.38 -5.64
N TRP E 351 1.36 15.72 -6.92
CA TRP E 351 2.10 16.88 -7.41
C TRP E 351 1.12 17.99 -7.79
N ASN E 352 1.43 19.21 -7.38
CA ASN E 352 0.55 20.34 -7.69
C ASN E 352 1.36 21.59 -8.00
N LEU F 28 53.13 12.10 22.60
CA LEU F 28 53.37 13.57 22.48
C LEU F 28 52.04 14.25 22.18
N SER F 29 51.82 14.69 20.94
CA SER F 29 50.52 15.26 20.59
C SER F 29 49.72 14.28 19.75
N LEU F 30 49.63 13.03 20.21
CA LEU F 30 48.91 12.01 19.46
C LEU F 30 47.43 12.35 19.41
N THR F 31 47.00 13.23 20.30
CA THR F 31 45.62 13.68 20.29
C THR F 31 45.41 14.51 19.04
N VAL F 32 46.44 14.59 18.21
CA VAL F 32 46.34 15.33 16.97
C VAL F 32 45.30 14.78 16.00
N LEU F 33 44.97 13.51 16.02
CA LEU F 33 43.96 13.06 15.05
C LEU F 33 42.84 12.32 15.70
N THR F 34 42.79 12.28 17.01
CA THR F 34 41.87 11.46 17.76
C THR F 34 40.64 12.30 17.64
N CYS F 35 40.84 13.58 17.36
CA CYS F 35 39.73 14.48 17.18
C CYS F 35 39.34 14.47 15.71
N ILE F 36 40.29 14.27 14.81
CA ILE F 36 39.91 14.19 13.41
C ILE F 36 39.22 12.87 13.09
N VAL F 37 39.71 11.77 13.66
CA VAL F 37 39.13 10.49 13.31
C VAL F 37 37.68 10.52 13.70
N SER F 38 37.33 11.45 14.57
CA SER F 38 35.94 11.57 14.94
C SER F 38 35.26 12.62 14.11
N LEU F 39 36.02 13.48 13.44
CA LEU F 39 35.34 14.44 12.53
C LEU F 39 34.78 13.80 11.26
N VAL F 40 35.19 12.59 10.93
CA VAL F 40 34.67 11.82 9.80
C VAL F 40 33.69 10.75 10.28
N GLY F 41 34.01 10.11 11.40
CA GLY F 41 33.14 9.08 11.93
C GLY F 41 31.80 9.64 12.32
N LEU F 42 31.81 10.79 13.01
CA LEU F 42 30.57 11.41 13.43
C LEU F 42 29.71 11.73 12.23
N THR F 43 30.31 12.33 11.20
CA THR F 43 29.56 12.64 9.99
C THR F 43 28.94 11.36 9.47
N GLY F 44 29.76 10.35 9.22
CA GLY F 44 29.23 9.07 8.79
C GLY F 44 28.06 8.59 9.64
N ASN F 45 28.18 8.74 10.96
CA ASN F 45 27.10 8.32 11.85
C ASN F 45 25.87 9.19 11.69
N ALA F 46 26.06 10.50 11.46
CA ALA F 46 24.92 11.37 11.18
C ALA F 46 24.23 10.96 9.89
N VAL F 47 24.96 10.53 8.87
CA VAL F 47 24.27 10.04 7.67
C VAL F 47 23.36 8.88 7.98
N VAL F 48 23.89 7.82 8.57
CA VAL F 48 23.12 6.61 8.88
C VAL F 48 21.96 6.85 9.80
N LEU F 49 22.17 7.75 10.75
CA LEU F 49 21.11 8.08 11.69
C LEU F 49 19.88 8.53 10.92
N TRP F 50 20.07 9.35 9.91
CA TRP F 50 18.93 9.87 9.14
C TRP F 50 18.68 9.25 7.77
N LEU F 51 19.51 8.34 7.32
CA LEU F 51 19.21 7.66 6.07
C LEU F 51 18.38 6.49 6.50
N LEU F 52 19.02 5.53 7.14
CA LEU F 52 18.27 4.42 7.69
C LEU F 52 17.57 5.07 8.84
N GLY F 53 16.25 5.08 8.84
CA GLY F 53 15.56 5.82 9.86
C GLY F 53 14.73 6.89 9.20
N CYS F 54 15.14 7.35 8.02
CA CYS F 54 14.27 8.32 7.33
C CYS F 54 13.70 7.74 6.07
N ARG F 55 14.57 7.49 5.11
CA ARG F 55 14.13 6.94 3.86
C ARG F 55 14.39 5.47 3.80
N MET F 56 13.93 4.72 4.79
CA MET F 56 14.22 3.30 4.82
C MET F 56 13.29 2.50 5.71
N ARG F 57 12.95 1.29 5.28
CA ARG F 57 12.16 0.37 6.11
C ARG F 57 13.05 -0.38 7.09
N ARG F 58 12.62 -0.47 8.34
CA ARG F 58 13.40 -1.10 9.39
C ARG F 58 12.94 -2.55 9.58
N ASN F 59 13.85 -3.49 9.35
CA ASN F 59 13.59 -4.89 9.59
C ASN F 59 13.98 -5.24 11.03
N ALA F 60 14.05 -6.54 11.34
CA ALA F 60 14.44 -7.00 12.67
C ALA F 60 15.93 -6.85 12.93
N PHE F 61 16.69 -6.22 12.02
CA PHE F 61 18.12 -6.04 12.20
C PHE F 61 18.56 -4.59 12.11
N SER F 62 17.80 -3.72 11.43
CA SER F 62 18.18 -2.31 11.33
C SER F 62 17.97 -1.55 12.64
N ILE F 63 17.13 -2.08 13.54
CA ILE F 63 16.95 -1.44 14.83
C ILE F 63 18.26 -1.46 15.62
N TYR F 64 18.96 -2.59 15.59
CA TYR F 64 20.26 -2.68 16.24
C TYR F 64 21.23 -1.68 15.63
N ILE F 65 21.24 -1.57 14.29
CA ILE F 65 22.14 -0.65 13.63
C ILE F 65 21.78 0.79 13.96
N LEU F 66 20.48 1.10 14.03
CA LEU F 66 20.06 2.45 14.39
C LEU F 66 20.51 2.81 15.81
N ASN F 67 20.32 1.89 16.75
CA ASN F 67 20.74 2.14 18.13
C ASN F 67 22.26 2.27 18.22
N LEU F 68 22.99 1.45 17.47
CA LEU F 68 24.45 1.58 17.43
C LEU F 68 24.87 2.93 16.86
N ALA F 69 24.16 3.40 15.83
CA ALA F 69 24.45 4.70 15.26
C ALA F 69 24.21 5.82 16.27
N ALA F 70 23.12 5.73 17.02
CA ALA F 70 22.86 6.74 18.05
C ALA F 70 23.93 6.72 19.13
N ALA F 71 24.31 5.52 19.59
CA ALA F 71 25.32 5.41 20.63
C ALA F 71 26.67 5.95 20.13
N ASP F 72 27.02 5.64 18.89
CA ASP F 72 28.27 6.16 18.33
C ASP F 72 28.19 7.67 18.12
N PHE F 73 27.01 8.19 17.78
CA PHE F 73 26.81 9.64 17.75
C PHE F 73 27.17 10.27 19.08
N LEU F 74 26.60 9.78 20.18
CA LEU F 74 26.91 10.34 21.50
C LEU F 74 28.38 10.13 21.88
N PHE F 75 28.94 8.98 21.58
CA PHE F 75 30.33 8.72 21.96
C PHE F 75 31.29 9.63 21.21
N LEU F 76 31.08 9.80 19.93
CA LEU F 76 31.98 10.63 19.18
C LEU F 76 31.79 12.09 19.53
N SER F 77 30.53 12.53 19.74
CA SER F 77 30.32 13.91 20.17
C SER F 77 31.10 14.18 21.45
N GLY F 78 31.01 13.26 22.43
CA GLY F 78 31.77 13.43 23.65
C GLY F 78 33.27 13.43 23.41
N ARG F 79 33.75 12.54 22.53
CA ARG F 79 35.18 12.49 22.24
C ARG F 79 35.66 13.78 21.59
N LEU F 80 34.88 14.31 20.63
CA LEU F 80 35.27 15.55 19.96
C LEU F 80 35.27 16.71 20.94
N ILE F 81 34.27 16.78 21.83
CA ILE F 81 34.23 17.85 22.81
C ILE F 81 35.42 17.76 23.77
N TYR F 82 35.76 16.54 24.18
CA TYR F 82 36.88 16.35 25.09
C TYR F 82 38.23 16.63 24.44
N SER F 83 38.33 16.40 23.13
CA SER F 83 39.60 16.57 22.44
C SER F 83 40.06 18.03 22.40
N LEU F 84 39.14 18.98 22.53
CA LEU F 84 39.49 20.40 22.46
C LEU F 84 40.21 20.80 23.74
N LEU F 85 41.48 21.16 23.63
CA LEU F 85 42.27 21.58 24.77
C LEU F 85 43.30 22.64 24.38
N LYS F 96 32.32 20.73 33.05
CA LYS F 96 32.31 19.58 32.16
C LYS F 96 31.23 18.55 32.55
N ILE F 97 31.60 17.58 33.39
CA ILE F 97 30.66 16.55 33.80
C ILE F 97 30.09 15.84 32.59
N LEU F 98 30.96 15.32 31.74
CA LEU F 98 30.51 14.64 30.54
C LEU F 98 30.93 13.18 30.55
N TYR F 99 31.99 12.86 31.29
CA TYR F 99 32.44 11.49 31.39
C TYR F 99 31.26 10.50 31.42
N PRO F 100 30.33 10.67 32.36
CA PRO F 100 29.23 9.70 32.47
C PRO F 100 28.59 9.33 31.15
N VAL F 101 28.15 10.32 30.37
CA VAL F 101 27.48 10.02 29.11
C VAL F 101 28.42 9.37 28.11
N MET F 102 29.70 9.76 28.12
CA MET F 102 30.66 9.15 27.21
C MET F 102 30.83 7.66 27.50
N MET F 103 31.05 7.31 28.76
CA MET F 103 31.16 5.91 29.12
C MET F 103 29.87 5.17 28.81
N PHE F 104 28.74 5.78 29.15
CA PHE F 104 27.44 5.16 28.93
C PHE F 104 27.26 4.82 27.46
N SER F 105 27.58 5.75 26.56
CA SER F 105 27.48 5.50 25.12
C SER F 105 28.49 4.43 24.68
N TYR F 106 29.69 4.46 25.25
CA TYR F 106 30.70 3.47 24.90
C TYR F 106 30.23 2.05 25.22
N PHE F 107 29.77 1.84 26.45
CA PHE F 107 29.30 0.51 26.83
C PHE F 107 28.03 0.12 26.09
N ALA F 108 27.15 1.09 25.81
CA ALA F 108 25.98 0.79 24.99
C ALA F 108 26.38 0.31 23.61
N GLY F 109 27.37 0.97 22.99
CA GLY F 109 27.82 0.56 21.67
C GLY F 109 28.42 -0.82 21.67
N LEU F 110 29.27 -1.13 22.66
CA LEU F 110 29.84 -2.47 22.74
C LEU F 110 28.75 -3.52 22.94
N SER F 111 27.77 -3.23 23.80
CA SER F 111 26.69 -4.18 24.04
C SER F 111 25.85 -4.38 22.78
N PHE F 112 25.63 -3.31 22.01
CA PHE F 112 24.89 -3.45 20.77
C PHE F 112 25.67 -4.26 19.74
N LEU F 113 26.99 -4.10 19.70
CA LEU F 113 27.80 -4.94 18.83
C LEU F 113 27.67 -6.42 19.19
N SER F 114 27.73 -6.71 20.50
CA SER F 114 27.57 -8.09 20.94
C SER F 114 26.18 -8.63 20.59
N ALA F 115 25.16 -7.80 20.76
CA ALA F 115 23.80 -8.22 20.41
C ALA F 115 23.65 -8.47 18.92
N VAL F 116 24.27 -7.63 18.09
CA VAL F 116 24.24 -7.84 16.64
C VAL F 116 24.88 -9.16 16.28
N SER F 117 26.04 -9.46 16.88
CA SER F 117 26.70 -10.73 16.61
C SER F 117 25.83 -11.90 17.04
N THR F 118 25.23 -11.82 18.23
CA THR F 118 24.41 -12.92 18.73
C THR F 118 23.18 -13.12 17.85
N GLU F 119 22.52 -12.05 17.44
CA GLU F 119 21.34 -12.18 16.60
C GLU F 119 21.70 -12.70 15.22
N ARG F 120 22.87 -12.33 14.70
CA ARG F 120 23.30 -12.87 13.41
C ARG F 120 23.60 -14.36 13.52
N CYS F 121 24.16 -14.80 14.65
CA CYS F 121 24.41 -16.22 14.84
C CYS F 121 23.10 -17.01 14.94
N LEU F 122 22.10 -16.44 15.61
CA LEU F 122 20.83 -17.15 15.82
C LEU F 122 20.04 -17.33 14.54
N SER F 123 20.32 -16.53 13.50
CA SER F 123 19.56 -16.62 12.26
C SER F 123 20.01 -17.76 11.36
N VAL F 124 21.09 -18.47 11.72
CA VAL F 124 21.60 -19.56 10.93
C VAL F 124 21.42 -20.90 11.63
N LEU F 125 21.66 -20.95 12.95
CA LEU F 125 21.46 -22.19 13.69
C LEU F 125 20.00 -22.60 13.68
N TRP F 126 19.09 -21.65 13.87
CA TRP F 126 17.65 -21.90 13.84
C TRP F 126 17.01 -20.93 12.85
N PRO F 127 17.01 -21.26 11.56
CA PRO F 127 16.40 -20.35 10.59
C PRO F 127 14.88 -20.31 10.67
N ILE F 128 14.23 -21.45 10.86
CA ILE F 128 12.77 -21.49 10.90
C ILE F 128 12.25 -20.67 12.08
N TRP F 129 12.87 -20.84 13.25
CA TRP F 129 12.44 -20.08 14.42
C TRP F 129 12.66 -18.58 14.22
N TYR F 130 13.82 -18.20 13.67
CA TYR F 130 14.11 -16.79 13.42
C TYR F 130 13.21 -16.20 12.35
N ARG F 131 12.59 -17.02 11.52
CA ARG F 131 11.78 -16.48 10.43
C ARG F 131 10.28 -16.46 10.72
N CYS F 132 9.78 -17.45 11.46
CA CYS F 132 8.33 -17.53 11.67
C CYS F 132 7.95 -17.76 13.13
N HIS F 133 8.87 -17.55 14.07
CA HIS F 133 8.52 -17.77 15.48
C HIS F 133 9.00 -16.71 16.44
N ARG F 134 9.92 -15.83 16.06
CA ARG F 134 10.36 -14.83 17.02
C ARG F 134 9.32 -13.71 17.15
N PRO F 135 9.19 -13.12 18.33
CA PRO F 135 8.31 -11.96 18.48
C PRO F 135 8.77 -10.80 17.60
N THR F 136 7.80 -10.08 17.04
CA THR F 136 8.13 -8.98 16.14
C THR F 136 8.76 -7.80 16.89
N HIS F 137 8.55 -7.68 18.19
CA HIS F 137 9.07 -6.58 18.98
C HIS F 137 10.25 -6.98 19.84
N LEU F 138 10.81 -8.19 19.64
CA LEU F 138 11.91 -8.64 20.49
C LEU F 138 13.15 -7.78 20.31
N SER F 139 13.37 -7.25 19.11
CA SER F 139 14.53 -6.39 18.88
C SER F 139 14.46 -5.12 19.73
N ALA F 140 13.27 -4.50 19.77
CA ALA F 140 13.11 -3.28 20.57
C ALA F 140 13.24 -3.59 22.06
N VAL F 141 12.72 -4.73 22.51
CA VAL F 141 12.84 -5.10 23.92
C VAL F 141 14.30 -5.31 24.29
N VAL F 142 15.04 -6.03 23.45
CA VAL F 142 16.46 -6.24 23.70
C VAL F 142 17.19 -4.90 23.70
N CYS F 143 16.83 -4.00 22.79
CA CYS F 143 17.48 -2.71 22.71
C CYS F 143 17.25 -1.90 23.99
N VAL F 144 16.01 -1.88 24.49
CA VAL F 144 15.74 -1.07 25.68
C VAL F 144 16.37 -1.70 26.91
N LEU F 145 16.41 -3.03 26.99
CA LEU F 145 17.10 -3.67 28.11
C LEU F 145 18.60 -3.38 28.09
N LEU F 146 19.21 -3.39 26.90
CA LEU F 146 20.63 -3.05 26.81
C LEU F 146 20.87 -1.59 27.12
N TRP F 147 19.93 -0.71 26.75
CA TRP F 147 20.03 0.69 27.12
C TRP F 147 19.96 0.86 28.63
N ALA F 148 19.07 0.11 29.28
CA ALA F 148 18.90 0.23 30.74
C ALA F 148 20.12 -0.29 31.48
N LEU F 149 20.70 -1.40 31.03
CA LEU F 149 21.84 -1.98 31.70
C LEU F 149 23.10 -1.12 31.62
N SER F 150 23.11 -0.10 30.77
CA SER F 150 24.28 0.75 30.61
C SER F 150 24.35 1.85 31.67
N LEU F 151 23.30 2.66 31.77
CA LEU F 151 23.29 3.73 32.76
C LEU F 151 23.09 3.19 34.18
N LEU F 152 22.47 2.02 34.30
CA LEU F 152 22.33 1.42 35.62
C LEU F 152 23.73 1.22 36.17
N ARG F 153 24.58 0.56 35.40
CA ARG F 153 25.97 0.40 35.82
C ARG F 153 26.63 1.75 36.07
N SER F 154 26.30 2.75 35.25
CA SER F 154 26.89 4.08 35.42
C SER F 154 26.45 4.71 36.74
N ILE F 155 25.15 4.63 37.05
CA ILE F 155 24.69 5.19 38.33
C ILE F 155 25.16 4.34 39.50
N LEU F 156 25.35 3.04 39.29
CA LEU F 156 25.93 2.21 40.34
C LEU F 156 27.36 2.63 40.65
N GLU F 157 28.06 3.06 39.60
CA GLU F 157 29.43 3.51 39.73
C GLU F 157 29.44 4.92 40.28
N TRP F 158 28.33 5.62 40.16
CA TRP F 158 28.23 7.02 40.59
C TRP F 158 28.37 7.15 42.10
N MET F 159 27.81 6.21 42.86
CA MET F 159 27.83 6.30 44.31
C MET F 159 29.23 6.08 44.89
N TRP F 172 38.96 0.06 47.84
CA TRP F 172 38.58 -0.98 48.79
C TRP F 172 37.12 -1.35 48.65
N CYS F 173 36.23 -0.40 49.00
CA CYS F 173 34.81 -0.65 48.90
C CYS F 173 34.34 -0.67 47.44
N GLN F 174 34.99 0.09 46.57
CA GLN F 174 34.60 0.19 45.16
C GLN F 174 35.15 -1.02 44.41
N THR F 175 34.46 -2.15 44.58
CA THR F 175 34.77 -3.38 43.85
C THR F 175 34.09 -3.46 42.49
N SER F 176 33.31 -2.43 42.13
CA SER F 176 32.57 -2.46 40.87
C SER F 176 33.49 -2.44 39.65
N ASP F 177 34.76 -2.07 39.81
CA ASP F 177 35.68 -2.08 38.68
C ASP F 177 35.89 -3.49 38.15
N PHE F 178 36.00 -4.48 39.03
CA PHE F 178 36.16 -5.84 38.52
C PHE F 178 34.85 -6.32 37.92
N ILE F 179 33.75 -5.91 38.48
CA ILE F 179 32.48 -6.29 37.87
C ILE F 179 32.39 -5.75 36.45
N THR F 180 32.83 -4.51 36.24
CA THR F 180 32.83 -3.92 34.90
C THR F 180 33.78 -4.68 33.98
N VAL F 181 34.96 -5.05 34.49
CA VAL F 181 35.91 -5.82 33.69
C VAL F 181 35.31 -7.17 33.31
N ALA F 182 34.63 -7.82 34.25
CA ALA F 182 33.97 -9.08 33.96
C ALA F 182 32.86 -8.90 32.92
N TRP F 183 32.14 -7.79 33.00
CA TRP F 183 31.11 -7.49 32.00
C TRP F 183 31.72 -7.35 30.62
N LEU F 184 32.85 -6.64 30.52
CA LEU F 184 33.52 -6.49 29.23
C LEU F 184 34.03 -7.83 28.70
N ILE F 185 34.58 -8.66 29.60
CA ILE F 185 35.05 -9.98 29.20
C ILE F 185 33.89 -10.84 28.72
N PHE F 186 32.75 -10.75 29.40
CA PHE F 186 31.57 -11.50 28.97
C PHE F 186 31.09 -11.04 27.59
N LEU F 187 31.09 -9.72 27.35
CA LEU F 187 30.70 -9.21 26.04
C LEU F 187 31.64 -9.73 24.96
N CYS F 188 32.95 -9.68 25.21
CA CYS F 188 33.91 -10.17 24.23
C CYS F 188 33.74 -11.66 23.98
N VAL F 189 33.53 -12.45 25.06
CA VAL F 189 33.35 -13.89 24.92
C VAL F 189 32.10 -14.18 24.10
N VAL F 190 31.02 -13.46 24.37
CA VAL F 190 29.79 -13.65 23.61
C VAL F 190 30.02 -13.36 22.13
N LEU F 191 30.70 -12.25 21.83
CA LEU F 191 30.89 -11.88 20.43
C LEU F 191 31.74 -12.91 19.69
N CYS F 192 32.89 -13.28 20.24
CA CYS F 192 33.74 -14.24 19.55
C CYS F 192 33.10 -15.63 19.50
N GLY F 193 32.37 -16.03 20.54
CA GLY F 193 31.69 -17.32 20.48
C GLY F 193 30.62 -17.36 19.41
N SER F 194 29.80 -16.31 19.32
CA SER F 194 28.78 -16.26 18.28
C SER F 194 29.41 -16.26 16.89
N SER F 195 30.49 -15.48 16.72
CA SER F 195 31.16 -15.45 15.42
C SER F 195 31.76 -16.82 15.07
N LEU F 196 32.34 -17.50 16.05
CA LEU F 196 32.92 -18.81 15.80
C LEU F 196 31.84 -19.83 15.44
N VAL F 197 30.72 -19.83 16.16
CA VAL F 197 29.65 -20.77 15.84
C VAL F 197 29.08 -20.47 14.46
N LEU F 198 29.00 -19.19 14.08
CA LEU F 198 28.57 -18.85 12.73
C LEU F 198 29.57 -19.33 11.69
N LEU F 199 30.84 -19.28 11.99
CA LEU F 199 31.84 -19.68 11.02
C LEU F 199 32.03 -21.16 10.84
N ILE F 200 31.90 -21.92 11.90
CA ILE F 200 32.02 -23.38 11.80
C ILE F 200 30.69 -24.00 11.41
N ARG F 201 29.67 -23.16 11.17
CA ARG F 201 28.42 -23.63 10.61
C ARG F 201 28.36 -23.44 9.10
N ILE F 202 29.11 -22.49 8.55
CA ILE F 202 29.10 -22.28 7.10
C ILE F 202 30.05 -23.24 6.41
N LEU F 203 31.31 -23.30 6.87
CA LEU F 203 32.28 -24.21 6.26
C LEU F 203 31.86 -25.67 6.44
N CYS F 204 31.36 -26.00 7.63
CA CYS F 204 30.89 -27.35 7.87
C CYS F 204 29.47 -27.47 7.37
N GLY F 205 29.25 -28.31 6.37
CA GLY F 205 27.93 -28.46 5.79
C GLY F 205 27.68 -27.47 4.67
N SER F 206 26.40 -27.30 4.34
CA SER F 206 25.94 -26.41 3.28
C SER F 206 26.58 -26.87 1.96
N ARG F 207 27.01 -25.96 1.10
CA ARG F 207 27.62 -26.34 -0.17
C ARG F 207 29.03 -25.76 -0.29
N THR F 212 34.38 -17.37 0.40
CA THR F 212 33.66 -16.22 -0.14
C THR F 212 33.88 -15.01 0.74
N ARG F 213 33.08 -13.97 0.49
CA ARG F 213 33.12 -12.72 1.26
C ARG F 213 32.64 -12.92 2.69
N LEU F 214 31.97 -14.01 2.96
CA LEU F 214 31.50 -14.25 4.30
C LEU F 214 32.65 -14.33 5.25
N TYR F 215 33.63 -15.18 4.98
CA TYR F 215 34.75 -15.34 5.89
C TYR F 215 35.50 -14.03 6.10
N VAL F 216 35.56 -13.27 5.01
CA VAL F 216 36.25 -11.98 4.89
C VAL F 216 35.63 -10.85 5.68
N THR F 217 34.33 -10.92 5.82
CA THR F 217 33.52 -10.01 6.61
C THR F 217 33.52 -10.41 8.09
N ILE F 218 33.33 -11.70 8.36
CA ILE F 218 33.30 -12.15 9.75
C ILE F 218 34.66 -11.94 10.41
N LEU F 219 35.73 -12.28 9.70
CA LEU F 219 37.07 -12.09 10.24
C LEU F 219 37.26 -10.63 10.63
N LEU F 220 37.01 -9.74 9.69
CA LEU F 220 37.19 -8.30 9.94
C LEU F 220 36.34 -7.85 11.13
N THR F 221 35.10 -8.35 11.22
CA THR F 221 34.23 -7.96 12.33
C THR F 221 34.80 -8.39 13.67
N VAL F 222 35.33 -9.62 13.76
CA VAL F 222 35.93 -10.07 15.01
C VAL F 222 37.24 -9.33 15.29
N LEU F 223 38.03 -9.04 14.25
CA LEU F 223 39.29 -8.33 14.46
C LEU F 223 39.04 -6.94 15.03
N VAL F 224 38.06 -6.23 14.49
CA VAL F 224 37.60 -5.00 15.11
C VAL F 224 36.80 -5.34 16.37
N PHE F 225 36.73 -4.38 17.29
CA PHE F 225 36.08 -4.52 18.60
C PHE F 225 36.93 -5.43 19.50
N LEU F 226 37.97 -6.04 18.93
CA LEU F 226 38.93 -6.83 19.68
C LEU F 226 40.32 -6.20 19.70
N LEU F 227 40.73 -5.60 18.57
CA LEU F 227 41.96 -4.83 18.53
C LEU F 227 41.70 -3.33 18.47
N CYS F 228 40.45 -2.91 18.35
CA CYS F 228 40.10 -1.49 18.19
C CYS F 228 39.22 -0.98 19.32
N GLY F 229 38.11 -1.64 19.60
CA GLY F 229 37.15 -1.13 20.56
C GLY F 229 37.36 -1.58 21.99
N LEU F 230 37.64 -2.87 22.17
CA LEU F 230 37.80 -3.42 23.52
C LEU F 230 38.91 -2.79 24.35
N PRO F 231 40.16 -2.62 23.84
CA PRO F 231 41.28 -2.35 24.76
C PRO F 231 41.29 -0.97 25.37
N PHE F 232 40.21 -0.19 25.19
CA PHE F 232 40.10 1.09 25.90
C PHE F 232 39.48 0.89 27.27
N GLY F 233 38.25 0.35 27.31
CA GLY F 233 37.60 0.07 28.58
C GLY F 233 38.22 -1.07 29.35
N ILE F 234 38.98 -1.93 28.68
CA ILE F 234 39.71 -2.98 29.39
C ILE F 234 40.90 -2.37 30.13
N GLN F 235 41.67 -1.51 29.46
CA GLN F 235 42.76 -0.84 30.15
C GLN F 235 42.24 0.06 31.26
N PHE F 236 41.16 0.80 30.99
CA PHE F 236 40.50 1.55 32.04
C PHE F 236 39.81 0.58 33.00
N PHE F 237 39.58 1.06 34.22
CA PHE F 237 38.92 0.29 35.27
C PHE F 237 39.78 -0.87 35.74
N LEU F 238 40.92 -1.08 35.08
CA LEU F 238 41.85 -2.14 35.43
C LEU F 238 43.22 -1.62 35.81
N PHE F 239 43.81 -0.74 34.99
CA PHE F 239 45.06 -0.11 35.41
C PHE F 239 44.86 0.95 36.48
N LEU F 240 43.63 1.11 36.97
CA LEU F 240 43.31 2.06 38.02
C LEU F 240 43.53 1.50 39.42
N TRP F 241 43.59 0.16 39.56
CA TRP F 241 43.67 -0.47 40.87
C TRP F 241 44.88 -1.35 41.09
N ILE F 242 45.63 -1.71 40.04
CA ILE F 242 46.74 -2.62 40.20
C ILE F 242 48.06 -2.11 39.63
N HIS F 243 48.06 -1.11 38.75
CA HIS F 243 49.29 -0.68 38.11
C HIS F 243 50.13 0.17 39.06
N VAL F 244 51.45 0.15 38.82
CA VAL F 244 52.39 0.96 39.57
C VAL F 244 53.31 1.69 38.60
N ASP F 245 53.31 1.24 37.35
CA ASP F 245 54.11 1.88 36.32
C ASP F 245 53.34 3.04 35.75
N ARG F 246 53.99 3.96 35.06
CA ARG F 246 53.24 5.13 34.62
C ARG F 246 53.61 5.67 33.24
N GLU F 247 54.88 5.61 32.86
CA GLU F 247 55.22 6.21 31.57
C GLU F 247 54.39 5.51 30.52
N VAL F 248 54.43 4.18 30.50
CA VAL F 248 53.60 3.44 29.58
C VAL F 248 52.20 3.94 29.71
N LEU F 249 51.76 4.10 30.94
CA LEU F 249 50.38 4.49 31.17
C LEU F 249 49.91 5.64 30.30
N PHE F 250 50.82 6.51 29.93
CA PHE F 250 50.46 7.62 29.04
C PHE F 250 51.22 7.55 27.76
N CYS F 251 51.70 6.35 27.42
CA CYS F 251 52.36 6.17 26.15
C CYS F 251 51.58 5.55 25.02
N HIS F 252 51.30 4.27 25.15
CA HIS F 252 50.42 3.64 24.18
C HIS F 252 49.19 3.39 25.01
N VAL F 253 49.39 2.91 26.21
CA VAL F 253 48.29 2.63 27.11
C VAL F 253 47.25 3.72 27.04
N HIS F 254 47.65 4.99 27.00
CA HIS F 254 46.58 5.99 27.01
C HIS F 254 46.23 6.54 25.65
N LEU F 255 47.19 7.02 24.88
CA LEU F 255 46.74 7.44 23.59
C LEU F 255 46.14 6.31 22.76
N VAL F 256 46.84 5.20 22.59
CA VAL F 256 46.29 4.21 21.69
C VAL F 256 44.90 3.78 22.09
N SER F 257 44.71 3.61 23.38
CA SER F 257 43.42 3.22 23.87
C SER F 257 42.41 4.22 23.45
N ILE F 258 42.68 5.48 23.74
CA ILE F 258 41.64 6.45 23.41
C ILE F 258 41.41 6.50 21.91
N PHE F 259 42.49 6.39 21.13
CA PHE F 259 42.38 6.46 19.68
C PHE F 259 41.68 5.25 19.08
N LEU F 260 42.26 4.08 19.29
CA LEU F 260 41.68 2.86 18.77
C LEU F 260 40.15 2.85 18.93
N SER F 261 39.66 3.32 20.08
CA SER F 261 38.21 3.39 20.27
C SER F 261 37.58 4.36 19.27
N ALA F 262 38.21 5.52 19.06
CA ALA F 262 37.70 6.47 18.09
C ALA F 262 37.69 5.88 16.69
N LEU F 263 38.75 5.16 16.32
CA LEU F 263 38.80 4.53 15.00
C LEU F 263 37.71 3.47 14.85
N ASN F 264 37.47 2.68 15.91
CA ASN F 264 36.41 1.68 15.86
C ASN F 264 35.05 2.34 15.68
N SER F 265 34.80 3.41 16.43
CA SER F 265 33.53 4.11 16.29
C SER F 265 33.39 4.69 14.90
N SER F 266 34.47 5.23 14.36
CA SER F 266 34.43 5.82 13.03
C SER F 266 34.17 4.77 11.96
N ALA F 267 34.75 3.58 12.12
CA ALA F 267 34.69 2.56 11.08
C ALA F 267 33.41 1.74 11.14
N ASN F 268 32.78 1.63 12.31
CA ASN F 268 31.59 0.80 12.43
C ASN F 268 30.47 1.16 11.45
N PRO F 269 30.11 2.44 11.24
CA PRO F 269 29.02 2.73 10.29
C PRO F 269 29.28 2.24 8.87
N ILE F 270 30.54 2.26 8.41
CA ILE F 270 30.80 1.78 7.06
C ILE F 270 30.82 0.26 7.00
N ILE F 271 31.24 -0.40 8.09
CA ILE F 271 31.24 -1.86 8.11
C ILE F 271 29.81 -2.39 8.14
N TYR F 272 28.92 -1.71 8.87
CA TYR F 272 27.59 -2.24 9.09
C TYR F 272 26.49 -1.62 8.22
N PHE F 273 26.75 -0.46 7.58
CA PHE F 273 25.72 0.17 6.76
C PHE F 273 26.19 0.65 5.40
N PHE F 274 27.48 0.93 5.20
CA PHE F 274 27.94 1.45 3.92
C PHE F 274 28.56 0.39 3.02
N VAL F 275 29.27 -0.58 3.60
CA VAL F 275 29.76 -1.72 2.83
C VAL F 275 28.63 -2.74 2.85
N GLY F 276 27.73 -2.62 1.89
N GLY F 276 27.73 -2.62 1.89
N GLY F 276 27.73 -2.62 1.89
CA GLY F 276 26.57 -3.51 1.80
CA GLY F 276 26.57 -3.51 1.80
CA GLY F 276 26.57 -3.51 1.80
C GLY F 276 25.27 -2.76 1.67
C GLY F 276 25.27 -2.76 1.67
C GLY F 276 25.27 -2.76 1.67
#